data_8WC5
#
_entry.id   8WC5
#
loop_
_entity.id
_entity.type
_entity.pdbx_description
1 polymer 'Guanine nucleotide-binding protein G(s) subunit alpha isoforms short'
2 polymer 'Guanine nucleotide-binding protein G(I)/G(S)/G(T) subunit beta-1'
3 polymer 'Trace amine-associated receptor 1'
4 polymer scFv16
5 polymer 'Guanine nucleotide-binding protein G(I)/G(S)/G(O) subunit gamma-2'
6 non-polymer 'TETRAMETHYLAMMONIUM ION'
#
loop_
_entity_poly.entity_id
_entity_poly.type
_entity_poly.pdbx_seq_one_letter_code
_entity_poly.pdbx_strand_id
1 'polypeptide(L)'
;MMGCTLSAEDKAAVERSKMIEKQLQKDKQVYRATHRLLLLGADNSGKSTIVKQMRIYHVNGYSEEECKQYKAVVYSNTIQ
SIIAIIRAMGRLKIDFGDSARADDARQLFVLAGAAEEGFMTAELAGVIKRLWKDSGVQACFNRSREYQLNDSAAYYLNDL
DRIAQPNYIPTQQDVLRTRVKTSGIFETKFQVDKVNFHMFDVGAQRDERRKWIQCFNDVTAIIFVVDSSDYNRLQEALND
FKSIWNNRWLRTISVILFLNKQDLLAEKVLAGKSKIEDYFPEFARYTTPEDATPEPGEDPRVTRAKYFIRDEFLRISTAS
GDGRHYCYPHFTCSVDTENARRIFNDCRDIIQRMHLRQYELL
;
A
2 'polypeptide(L)'
;MGSLLQSELDQLRQEAEQLKNQIRDARKACADATLSQITNNIDPVGRIQMRTRRTLRGHLAKIYAMHWGTDSRLLVSASQ
DGKLIIWDSYTTNKVHAIPLRSSWVMTCAYAPSGNYVACGGLDNICSIYNLKTREGNVRVSRELAGHTGYLSCCRFLDDN
QIVTSSGDTTCALWDIETGQQTTTFTGHTGDVMSLSLAPDTRLFVSGACDASAKLWDVREGMCRQTFTGHESDINAICFF
PNGNAFATGSDDATCRLFDLRADQELMTYSHDNIICGITSVSFSKSGRLLLAGYDDFNCNVWDALKADRAGVLAGHDNRV
SCLGVTDDGMAVATGSWDSFLKIWN
;
B
3 'polypeptide(L)'
;MHLCHAITNISHRNSDWSREVQASLYSLMSLIILATLVGNLIVIISISHFKQLHTPTNWLLHSMAIVDFLLGCLIMPCSM
VRTVERCWYFGEILCKVHTSTDIMLSSASIFHLAFISIDRYCAVCDPLRYKAKINISTILVMILVSWSLPAVYAFGMIFL
ELNLKGVEELYRSQVSDLGGCSPFFSKVSGVLAFMTSFYIPGSVMLFVYYRIYFIAKGQARSINRTNVQVGLEGKSQAPQ
SKETKAAKTLGIMVGVFLVCWCPFFLCTVLDPFLGYVIPPSLNDALYWFGYLNSALNPMVYAFFYPWFRRALKMVLLGKI
FQKDSSRSKLFL
;
R
4 'polypeptide(L)'
;MLLVNQSHQGFNKEHTSKMVSAIVLYVLLAAAAHSAFAVQLVESGGGLVQPGGSRKLSCSASGFAFSSFGMHWVRQAPEK
GLEWVAYISSGSGTIYYADTVKGRFTISRDDPKNTLFLQMTSLRSEDTAMYYCVRSIYYYGSSPFDFWGQGTTLTVSAGG
GGSGGGGSGGGGSADIVMTQATSSVPVTPGESVSISCRSSKSLLHSNGNTYLYWFLQRPGQSPQLLIYRMSNLASGVPDR
FSGSGSGTAFTLTISRLEAEDVGVYYCMQHLEYPLTFGAGTKLEL
;
S
5 'polypeptide(L)' MASNNTASIAQARKLVEQLKMEANIDRIKVSKAAADLMAYCEAHAKEDPLLTPVPASENPFREKKFFCAIL Y
#
# COMPACT_ATOMS: atom_id res chain seq x y z
N THR A 5 -4.39 20.01 -12.61
CA THR A 5 -5.71 19.78 -13.19
C THR A 5 -6.27 21.06 -13.77
N LEU A 6 -5.61 21.60 -14.78
CA LEU A 6 -6.05 22.84 -15.40
C LEU A 6 -7.03 22.60 -16.55
N SER A 7 -7.34 21.33 -16.82
CA SER A 7 -8.26 20.99 -17.92
C SER A 7 -9.49 20.24 -17.45
N ALA A 8 -10.57 20.33 -18.22
CA ALA A 8 -11.83 19.69 -17.86
C ALA A 8 -11.70 18.19 -17.78
N GLU A 9 -10.93 17.60 -18.70
CA GLU A 9 -10.73 16.14 -18.70
C GLU A 9 -9.83 15.73 -17.55
N ASP A 10 -8.84 16.54 -17.23
CA ASP A 10 -7.94 16.26 -16.11
C ASP A 10 -8.72 16.33 -14.80
N LYS A 11 -9.76 17.16 -14.76
CA LYS A 11 -10.57 17.28 -13.55
C LYS A 11 -11.19 15.96 -13.16
N ALA A 12 -11.76 15.24 -14.12
CA ALA A 12 -12.44 13.98 -13.82
C ALA A 12 -11.49 12.86 -13.43
N ALA A 13 -10.23 12.93 -13.83
CA ALA A 13 -9.24 11.96 -13.38
C ALA A 13 -8.98 12.07 -11.88
N VAL A 14 -8.85 13.29 -11.38
CA VAL A 14 -8.65 13.50 -9.94
C VAL A 14 -9.85 12.99 -9.16
N GLU A 15 -11.04 13.23 -9.70
CA GLU A 15 -12.24 12.79 -9.03
C GLU A 15 -12.24 11.26 -8.90
N ARG A 16 -11.84 10.56 -9.96
CA ARG A 16 -11.88 9.10 -9.92
C ARG A 16 -10.84 8.60 -8.93
N SER A 17 -9.66 9.21 -8.94
CA SER A 17 -8.65 8.81 -7.96
C SER A 17 -9.17 8.98 -6.53
N LYS A 18 -9.92 10.05 -6.27
CA LYS A 18 -10.48 10.26 -4.93
C LYS A 18 -11.47 9.15 -4.56
N MET A 19 -12.30 8.73 -5.51
CA MET A 19 -13.20 7.60 -5.23
C MET A 19 -12.41 6.35 -4.89
N ILE A 20 -11.33 6.10 -5.62
CA ILE A 20 -10.50 4.93 -5.32
C ILE A 20 -9.92 5.01 -3.92
N GLU A 21 -9.48 6.19 -3.50
CA GLU A 21 -8.97 6.34 -2.14
C GLU A 21 -10.04 6.10 -1.08
N LYS A 22 -11.28 6.51 -1.35
CA LYS A 22 -12.37 6.21 -0.41
C LYS A 22 -12.53 4.69 -0.23
N GLN A 23 -12.54 3.96 -1.35
CA GLN A 23 -12.68 2.50 -1.24
C GLN A 23 -11.50 1.89 -0.49
N LEU A 24 -10.29 2.40 -0.73
CA LEU A 24 -9.12 1.88 -0.02
C LEU A 24 -9.22 2.15 1.48
N GLN A 25 -9.77 3.30 1.87
CA GLN A 25 -9.96 3.58 3.29
C GLN A 25 -10.93 2.61 3.94
N LYS A 26 -12.01 2.15 3.29
CA LYS A 26 -12.88 1.15 3.98
C LYS A 26 -12.15 -0.19 4.32
N ASP A 27 -11.37 -0.62 3.34
CA ASP A 27 -10.60 -1.85 3.44
C ASP A 27 -9.60 -1.80 4.58
N LYS A 28 -8.99 -0.65 4.82
CA LYS A 28 -8.03 -0.53 5.89
C LYS A 28 -8.68 -0.83 7.23
N GLN A 29 -9.86 -0.30 7.47
CA GLN A 29 -10.55 -0.56 8.74
C GLN A 29 -10.85 -2.04 8.84
N VAL A 30 -11.34 -2.63 7.75
CA VAL A 30 -11.63 -4.07 7.85
C VAL A 30 -10.37 -4.90 8.16
N TYR A 31 -9.26 -4.56 7.53
CA TYR A 31 -7.99 -5.26 7.72
C TYR A 31 -7.51 -5.10 9.15
N ARG A 32 -7.69 -3.91 9.69
CA ARG A 32 -7.29 -3.57 11.04
C ARG A 32 -8.07 -4.40 12.05
N ALA A 33 -9.34 -4.68 11.79
CA ALA A 33 -10.06 -5.49 12.79
C ALA A 33 -10.02 -7.03 12.69
N THR A 34 -8.96 -7.64 12.12
CA THR A 34 -8.89 -9.09 11.97
C THR A 34 -7.54 -9.60 12.45
N HIS A 35 -7.52 -10.84 12.94
CA HIS A 35 -6.31 -11.50 13.41
C HIS A 35 -6.01 -12.71 12.56
N ARG A 36 -4.77 -12.80 12.08
CA ARG A 36 -4.32 -13.87 11.20
C ARG A 36 -3.48 -14.88 11.97
N LEU A 37 -3.73 -16.17 11.73
CA LEU A 37 -3.02 -17.26 12.38
C LEU A 37 -2.50 -18.24 11.32
N LEU A 38 -1.40 -18.90 11.65
CA LEU A 38 -0.79 -19.90 10.79
C LEU A 38 -0.83 -21.26 11.47
N LEU A 39 -1.25 -22.29 10.73
CA LEU A 39 -1.42 -23.64 11.26
C LEU A 39 -0.37 -24.56 10.65
N LEU A 40 0.33 -25.31 11.50
CA LEU A 40 1.39 -26.20 11.06
C LEU A 40 1.26 -27.55 11.77
N GLY A 41 1.78 -28.59 11.12
CA GLY A 41 1.67 -29.92 11.68
C GLY A 41 2.29 -30.94 10.77
N ALA A 42 1.90 -32.20 10.97
CA ALA A 42 2.38 -33.32 10.16
C ALA A 42 1.18 -34.18 9.75
N ASP A 43 1.48 -35.30 9.07
CA ASP A 43 0.42 -36.18 8.58
C ASP A 43 -0.20 -37.00 9.70
N ASN A 44 0.64 -37.50 10.61
CA ASN A 44 0.14 -38.28 11.74
C ASN A 44 -0.70 -37.39 12.64
N SER A 45 -0.19 -36.20 12.96
CA SER A 45 -0.97 -35.25 13.76
C SER A 45 -2.23 -34.91 13.00
N GLY A 46 -3.39 -35.24 13.57
CA GLY A 46 -4.62 -35.01 12.84
C GLY A 46 -5.11 -33.59 12.87
N LYS A 47 -4.31 -32.69 12.31
CA LYS A 47 -4.68 -31.27 12.27
C LYS A 47 -5.88 -31.07 11.34
N SER A 48 -6.01 -31.93 10.33
CA SER A 48 -7.14 -31.84 9.42
C SER A 48 -8.41 -32.15 10.16
N THR A 49 -8.40 -33.09 11.08
CA THR A 49 -9.65 -33.32 11.73
C THR A 49 -9.96 -32.20 12.69
N ILE A 50 -8.93 -31.61 13.30
CA ILE A 50 -9.21 -30.47 14.15
C ILE A 50 -9.90 -29.40 13.32
N VAL A 51 -9.40 -29.13 12.11
CA VAL A 51 -10.06 -28.10 11.30
C VAL A 51 -11.48 -28.51 10.92
N LYS A 181 -6.68 -30.80 -8.89
CA LYS A 181 -6.93 -29.81 -7.84
C LYS A 181 -5.85 -29.86 -6.78
N THR A 182 -4.62 -29.49 -7.14
CA THR A 182 -3.51 -29.41 -6.20
C THR A 182 -3.32 -27.95 -5.79
N SER A 183 -4.23 -27.48 -4.94
CA SER A 183 -4.18 -26.11 -4.47
C SER A 183 -3.03 -25.93 -3.49
N GLY A 184 -2.65 -24.67 -3.26
CA GLY A 184 -1.46 -24.37 -2.51
C GLY A 184 -1.67 -23.92 -1.08
N ILE A 185 -2.84 -23.35 -0.79
CA ILE A 185 -3.14 -22.87 0.56
C ILE A 185 -4.64 -22.88 0.74
N PHE A 186 -5.09 -23.13 1.96
CA PHE A 186 -6.50 -23.09 2.32
C PHE A 186 -6.70 -22.14 3.49
N GLU A 187 -7.94 -21.69 3.66
CA GLU A 187 -8.26 -20.73 4.70
C GLU A 187 -9.56 -21.16 5.39
N THR A 188 -9.60 -20.95 6.70
CA THR A 188 -10.77 -21.26 7.53
C THR A 188 -11.03 -20.07 8.45
N LYS A 189 -12.30 -19.76 8.66
CA LYS A 189 -12.70 -18.60 9.46
C LYS A 189 -13.58 -19.06 10.61
N PHE A 190 -13.26 -18.61 11.82
CA PHE A 190 -14.12 -18.82 12.98
C PHE A 190 -14.18 -17.55 13.80
N GLN A 191 -15.29 -17.37 14.50
CA GLN A 191 -15.55 -16.16 15.28
C GLN A 191 -15.99 -16.51 16.69
N VAL A 192 -15.38 -15.86 17.68
CA VAL A 192 -15.76 -16.01 19.08
C VAL A 192 -15.77 -14.62 19.72
N ASP A 193 -16.83 -14.33 20.48
CA ASP A 193 -17.00 -13.05 21.17
C ASP A 193 -16.86 -11.87 20.20
N LYS A 194 -17.43 -12.01 19.01
CA LYS A 194 -17.46 -10.95 18.00
C LYS A 194 -16.05 -10.52 17.58
N VAL A 195 -15.13 -11.48 17.50
CA VAL A 195 -13.78 -11.26 17.03
C VAL A 195 -13.48 -12.27 15.93
N ASN A 196 -12.90 -11.80 14.83
CA ASN A 196 -12.70 -12.62 13.65
C ASN A 196 -11.25 -13.13 13.59
N PHE A 197 -11.11 -14.45 13.45
CA PHE A 197 -9.81 -15.10 13.35
C PHE A 197 -9.70 -15.78 11.98
N HIS A 198 -8.56 -15.59 11.31
CA HIS A 198 -8.32 -16.17 10.00
C HIS A 198 -7.15 -17.14 10.09
N MET A 199 -7.39 -18.40 9.73
CA MET A 199 -6.43 -19.47 9.89
C MET A 199 -6.03 -20.00 8.52
N PHE A 200 -4.74 -19.97 8.22
CA PHE A 200 -4.21 -20.35 6.92
C PHE A 200 -3.47 -21.67 7.02
N ASP A 201 -3.94 -22.67 6.28
CA ASP A 201 -3.31 -23.99 6.26
C ASP A 201 -2.66 -24.19 4.90
N VAL A 202 -1.38 -24.52 4.92
CA VAL A 202 -0.60 -24.67 3.69
C VAL A 202 -0.85 -26.05 3.10
N GLY A 203 -1.23 -26.09 1.84
CA GLY A 203 -1.65 -27.33 1.21
C GLY A 203 -0.55 -28.05 0.46
N ALA A 204 -0.65 -28.10 -0.88
CA ALA A 204 0.25 -28.89 -1.71
C ALA A 204 1.50 -28.07 -2.02
N GLN A 205 2.45 -28.10 -1.10
CA GLN A 205 3.77 -27.53 -1.28
C GLN A 205 4.83 -28.61 -1.02
N ARG A 206 6.07 -28.28 -1.32
CA ARG A 206 7.16 -29.25 -1.27
C ARG A 206 7.62 -29.44 0.18
N ASP A 207 8.75 -30.14 0.35
CA ASP A 207 9.27 -30.45 1.67
C ASP A 207 10.14 -29.34 2.24
N GLU A 208 10.46 -28.31 1.46
CA GLU A 208 11.25 -27.19 1.94
C GLU A 208 10.34 -26.07 2.43
N ARG A 209 10.63 -25.54 3.62
CA ARG A 209 9.81 -24.53 4.26
C ARG A 209 10.49 -23.17 4.36
N ARG A 210 11.80 -23.09 4.10
CA ARG A 210 12.58 -21.97 4.60
C ARG A 210 12.14 -20.64 4.01
N LYS A 211 11.67 -20.62 2.77
CA LYS A 211 11.56 -19.35 2.06
C LYS A 211 10.15 -18.81 1.94
N TRP A 212 9.11 -19.65 1.97
CA TRP A 212 7.76 -19.13 2.00
C TRP A 212 7.26 -18.83 3.40
N ILE A 213 8.12 -18.98 4.43
CA ILE A 213 7.74 -18.69 5.80
C ILE A 213 7.96 -17.23 6.18
N GLN A 214 8.69 -16.46 5.37
CA GLN A 214 8.90 -15.06 5.68
C GLN A 214 7.67 -14.20 5.38
N CYS A 215 6.69 -14.74 4.64
CA CYS A 215 5.46 -14.01 4.37
C CYS A 215 4.52 -13.97 5.57
N PHE A 216 4.82 -14.71 6.64
CA PHE A 216 3.92 -14.84 7.78
C PHE A 216 4.50 -14.24 9.05
N ASN A 217 5.33 -13.21 8.93
CA ASN A 217 5.91 -12.55 10.09
C ASN A 217 5.00 -11.44 10.63
N ASP A 218 3.72 -11.46 10.27
CA ASP A 218 2.76 -10.47 10.76
C ASP A 218 1.57 -11.12 11.45
N VAL A 219 1.64 -12.42 11.76
CA VAL A 219 0.50 -13.11 12.33
C VAL A 219 0.47 -12.94 13.84
N THR A 220 -0.69 -13.23 14.43
CA THR A 220 -0.82 -13.16 15.88
C THR A 220 -0.07 -14.29 16.56
N ALA A 221 -0.25 -15.52 16.06
CA ALA A 221 0.34 -16.69 16.70
C ALA A 221 0.40 -17.83 15.70
N ILE A 222 1.13 -18.88 16.08
CA ILE A 222 1.27 -20.10 15.29
C ILE A 222 0.69 -21.25 16.10
N ILE A 223 -0.15 -22.06 15.47
CA ILE A 223 -0.75 -23.22 16.11
C ILE A 223 -0.05 -24.47 15.62
N PHE A 224 0.63 -25.16 16.54
CA PHE A 224 1.37 -26.38 16.25
C PHE A 224 0.58 -27.57 16.79
N VAL A 225 0.38 -28.58 15.95
CA VAL A 225 -0.36 -29.78 16.32
C VAL A 225 0.61 -30.95 16.33
N VAL A 226 0.59 -31.74 17.41
CA VAL A 226 1.51 -32.84 17.62
C VAL A 226 0.70 -34.09 17.89
N ASP A 227 1.15 -35.22 17.34
CA ASP A 227 0.57 -36.52 17.65
C ASP A 227 1.46 -37.23 18.65
N SER A 228 1.19 -37.08 19.95
CA SER A 228 2.08 -37.67 20.97
C SER A 228 2.12 -39.20 21.17
N SER A 229 1.17 -39.92 20.58
CA SER A 229 1.08 -41.37 20.81
C SER A 229 2.10 -42.25 20.08
N ASP A 230 2.77 -41.69 19.08
CA ASP A 230 3.69 -42.49 18.26
C ASP A 230 4.93 -43.00 18.98
N TYR A 231 5.61 -42.13 19.73
CA TYR A 231 6.86 -42.48 20.44
C TYR A 231 8.05 -42.63 19.49
N ASN A 232 7.95 -43.50 18.49
CA ASN A 232 9.06 -43.71 17.56
C ASN A 232 9.36 -42.50 16.68
N ARG A 233 8.30 -41.80 16.26
CA ARG A 233 8.47 -40.62 15.40
C ARG A 233 8.41 -39.32 16.18
N LEU A 234 8.59 -39.37 17.48
CA LEU A 234 8.65 -38.13 18.25
C LEU A 234 9.89 -37.30 17.95
N GLN A 235 11.01 -37.93 17.59
CA GLN A 235 12.16 -37.14 17.22
C GLN A 235 11.89 -36.14 16.10
N GLU A 236 10.93 -36.42 15.20
CA GLU A 236 10.75 -35.54 14.06
C GLU A 236 9.91 -34.33 14.42
N ALA A 237 8.87 -34.52 15.26
CA ALA A 237 8.07 -33.39 15.72
C ALA A 237 8.92 -32.46 16.59
N LEU A 238 9.77 -33.03 17.43
CA LEU A 238 10.66 -32.20 18.25
C LEU A 238 11.61 -31.38 17.38
N ASN A 239 12.16 -31.98 16.33
CA ASN A 239 13.10 -31.24 15.49
C ASN A 239 12.39 -30.21 14.61
N ASP A 240 11.14 -30.47 14.25
CA ASP A 240 10.38 -29.45 13.53
C ASP A 240 10.03 -28.28 14.43
N PHE A 241 9.68 -28.57 15.69
CA PHE A 241 9.48 -27.51 16.68
C PHE A 241 10.75 -26.68 16.86
N LYS A 242 11.90 -27.35 16.95
CA LYS A 242 13.16 -26.62 17.09
C LYS A 242 13.41 -25.72 15.89
N SER A 243 13.16 -26.22 14.68
CA SER A 243 13.39 -25.42 13.48
C SER A 243 12.45 -24.22 13.42
N ILE A 244 11.19 -24.40 13.83
CA ILE A 244 10.23 -23.31 13.78
C ILE A 244 10.55 -22.25 14.83
N TRP A 245 10.87 -22.67 16.05
CA TRP A 245 11.05 -21.72 17.15
C TRP A 245 12.27 -20.83 16.93
N ASN A 246 13.32 -21.35 16.31
CA ASN A 246 14.58 -20.62 16.18
C ASN A 246 14.70 -19.89 14.84
N ASN A 247 13.61 -19.80 14.07
CA ASN A 247 13.66 -19.18 12.77
C ASN A 247 13.97 -17.68 12.88
N ARG A 248 14.66 -17.17 11.87
CA ARG A 248 15.10 -15.77 11.90
C ARG A 248 13.95 -14.81 11.66
N TRP A 249 13.01 -15.18 10.80
CA TRP A 249 11.87 -14.33 10.48
C TRP A 249 10.67 -14.57 11.40
N LEU A 250 10.76 -15.54 12.30
CA LEU A 250 9.66 -15.86 13.21
C LEU A 250 9.91 -15.35 14.62
N ARG A 251 10.81 -14.37 14.77
CA ARG A 251 10.99 -13.70 16.04
C ARG A 251 9.74 -12.88 16.37
N THR A 252 9.49 -12.73 17.68
CA THR A 252 8.32 -12.02 18.20
C THR A 252 7.01 -12.64 17.74
N ILE A 253 7.02 -13.94 17.43
CA ILE A 253 5.82 -14.69 17.09
C ILE A 253 5.66 -15.82 18.10
N SER A 254 4.59 -15.77 18.88
CA SER A 254 4.34 -16.77 19.91
C SER A 254 3.60 -17.95 19.33
N VAL A 255 3.82 -19.12 19.92
CA VAL A 255 3.35 -20.39 19.38
C VAL A 255 2.42 -21.07 20.38
N ILE A 256 1.30 -21.57 19.89
CA ILE A 256 0.31 -22.31 20.68
C ILE A 256 0.47 -23.78 20.33
N LEU A 257 0.70 -24.61 21.35
CA LEU A 257 0.97 -26.02 21.14
C LEU A 257 -0.21 -26.88 21.58
N PHE A 258 -0.65 -27.78 20.70
CA PHE A 258 -1.67 -28.77 21.02
C PHE A 258 -1.04 -30.16 21.00
N LEU A 259 -1.22 -30.93 22.08
CA LEU A 259 -0.76 -32.33 22.14
C LEU A 259 -2.01 -33.12 21.82
N ASN A 260 -2.17 -33.64 20.62
CA ASN A 260 -3.40 -34.20 20.09
C ASN A 260 -3.49 -35.70 20.35
N LYS A 261 -4.73 -36.20 20.29
CA LYS A 261 -5.05 -37.62 20.45
C LYS A 261 -4.47 -38.16 21.76
N GLN A 262 -4.88 -37.56 22.87
CA GLN A 262 -4.39 -38.00 24.17
C GLN A 262 -5.03 -39.32 24.60
N ASP A 263 -6.29 -39.52 24.22
CA ASP A 263 -6.97 -40.75 24.64
C ASP A 263 -6.30 -42.00 24.08
N LEU A 264 -5.69 -41.90 22.90
CA LEU A 264 -4.98 -43.03 22.31
C LEU A 264 -3.76 -43.42 23.11
N LEU A 265 -3.11 -42.47 23.78
CA LEU A 265 -1.94 -42.79 24.60
C LEU A 265 -2.33 -43.69 25.77
N ALA A 266 -3.47 -43.40 26.41
CA ALA A 266 -3.87 -44.19 27.58
C ALA A 266 -4.08 -45.66 27.21
N GLU A 267 -4.73 -45.92 26.08
CA GLU A 267 -4.93 -47.29 25.64
C GLU A 267 -3.63 -47.96 25.20
N LYS A 268 -2.58 -47.19 24.93
CA LYS A 268 -1.29 -47.74 24.53
C LYS A 268 -0.29 -47.82 25.67
N VAL A 269 -0.67 -47.41 26.88
CA VAL A 269 0.24 -47.49 28.03
C VAL A 269 -0.29 -48.35 29.16
N LEU A 270 -1.61 -48.49 29.29
CA LEU A 270 -2.17 -49.38 30.30
C LEU A 270 -2.01 -50.82 29.88
N ALA A 271 -2.11 -51.08 28.58
CA ALA A 271 -1.95 -52.42 28.04
C ALA A 271 -0.49 -52.89 28.10
N GLY A 272 0.46 -51.97 27.98
CA GLY A 272 1.86 -52.33 28.02
C GLY A 272 2.47 -52.47 26.64
N SER A 274 4.37 -51.94 23.94
CA SER A 274 5.35 -50.93 23.53
C SER A 274 5.52 -49.93 24.66
N LYS A 275 6.77 -49.71 25.08
CA LYS A 275 7.09 -48.85 26.19
C LYS A 275 7.63 -47.52 25.68
N ILE A 276 8.06 -46.66 26.61
CA ILE A 276 8.73 -45.42 26.28
C ILE A 276 10.23 -45.49 26.56
N GLU A 277 10.67 -46.42 27.41
CA GLU A 277 12.10 -46.55 27.70
C GLU A 277 12.89 -46.94 26.46
N ASP A 278 12.30 -47.76 25.58
CA ASP A 278 13.01 -48.20 24.38
C ASP A 278 13.16 -47.11 23.34
N TYR A 279 12.41 -46.00 23.46
CA TYR A 279 12.67 -44.84 22.62
C TYR A 279 13.29 -43.68 23.39
N PHE A 280 12.85 -43.42 24.62
CA PHE A 280 13.41 -42.36 25.45
C PHE A 280 13.97 -42.96 26.74
N PRO A 281 15.29 -43.14 26.85
CA PRO A 281 15.86 -43.84 28.00
C PRO A 281 15.80 -43.05 29.31
N GLU A 282 15.47 -41.76 29.28
CA GLU A 282 15.46 -40.94 30.48
C GLU A 282 14.08 -40.87 31.13
N PHE A 283 13.12 -41.69 30.67
CA PHE A 283 11.80 -41.72 31.28
C PHE A 283 11.80 -42.42 32.65
N ALA A 284 12.76 -43.30 32.90
CA ALA A 284 12.83 -44.02 34.17
C ALA A 284 13.33 -43.15 35.31
N ARG A 285 13.91 -41.99 35.02
CA ARG A 285 14.35 -41.05 36.05
C ARG A 285 13.52 -39.78 36.00
N TYR A 286 12.26 -39.93 35.62
CA TYR A 286 11.30 -38.83 35.58
C TYR A 286 10.13 -39.16 36.50
N THR A 287 9.74 -38.18 37.31
CA THR A 287 8.60 -38.30 38.20
C THR A 287 7.68 -37.11 38.02
N THR A 288 6.40 -37.31 38.31
CA THR A 288 5.40 -36.28 38.08
C THR A 288 5.68 -35.07 38.97
N PRO A 289 5.74 -33.87 38.41
CA PRO A 289 5.94 -32.67 39.23
C PRO A 289 4.73 -32.41 40.12
N ASP A 291 3.22 -29.58 40.75
CA ASP A 291 2.26 -28.65 40.20
C ASP A 291 1.34 -29.28 39.16
N ALA A 292 1.59 -30.52 38.76
CA ALA A 292 0.71 -31.20 37.80
C ALA A 292 -0.68 -31.38 38.40
N THR A 293 -1.70 -31.24 37.54
CA THR A 293 -3.09 -31.29 37.95
C THR A 293 -3.81 -32.35 37.12
N PRO A 294 -3.73 -33.62 37.50
CA PRO A 294 -4.41 -34.67 36.73
C PRO A 294 -5.92 -34.60 36.88
N GLU A 295 -6.56 -33.72 36.11
CA GLU A 295 -8.02 -33.55 36.21
C GLU A 295 -8.81 -34.84 36.02
N PRO A 296 -8.52 -35.69 35.01
CA PRO A 296 -9.21 -36.99 34.96
C PRO A 296 -8.82 -37.88 36.14
N GLY A 297 -7.52 -38.12 36.31
CA GLY A 297 -7.01 -38.75 37.51
C GLY A 297 -7.20 -40.25 37.61
N GLU A 298 -7.55 -40.95 36.53
CA GLU A 298 -7.71 -42.39 36.62
C GLU A 298 -6.36 -43.08 36.88
N ASP A 299 -5.31 -42.68 36.17
CA ASP A 299 -4.04 -43.37 36.28
C ASP A 299 -2.91 -42.37 36.51
N PRO A 300 -1.95 -42.72 37.37
CA PRO A 300 -0.80 -41.84 37.58
C PRO A 300 0.31 -42.07 36.56
N ARG A 301 0.39 -43.30 36.03
CA ARG A 301 1.36 -43.58 34.97
C ARG A 301 1.04 -42.80 33.71
N VAL A 302 -0.25 -42.72 33.37
CA VAL A 302 -0.70 -41.91 32.23
C VAL A 302 -0.28 -40.45 32.44
N THR A 303 -0.50 -39.94 33.65
CA THR A 303 -0.10 -38.57 33.97
C THR A 303 1.40 -38.39 33.81
N ARG A 304 2.20 -39.36 34.29
CA ARG A 304 3.65 -39.24 34.20
C ARG A 304 4.11 -39.20 32.75
N ALA A 305 3.56 -40.08 31.91
CA ALA A 305 3.93 -40.07 30.49
C ALA A 305 3.49 -38.77 29.80
N LYS A 306 2.27 -38.32 30.08
CA LYS A 306 1.78 -37.08 29.49
C LYS A 306 2.71 -35.94 29.82
N TYR A 307 2.94 -35.72 31.10
CA TYR A 307 3.77 -34.60 31.50
C TYR A 307 5.22 -34.77 31.09
N PHE A 308 5.70 -36.00 30.91
CA PHE A 308 7.03 -36.18 30.34
C PHE A 308 7.09 -35.67 28.92
N ILE A 309 6.08 -35.98 28.10
CA ILE A 309 6.04 -35.45 26.74
C ILE A 309 5.93 -33.93 26.76
N ARG A 310 5.10 -33.40 27.66
CA ARG A 310 4.93 -31.94 27.74
C ARG A 310 6.24 -31.26 28.10
N ASP A 311 6.97 -31.80 29.07
CA ASP A 311 8.29 -31.26 29.42
C ASP A 311 9.29 -31.41 28.29
N GLU A 312 9.24 -32.53 27.57
CA GLU A 312 10.12 -32.72 26.42
C GLU A 312 9.92 -31.62 25.40
N PHE A 313 8.67 -31.21 25.18
CA PHE A 313 8.42 -30.12 24.25
C PHE A 313 8.79 -28.76 24.83
N LEU A 314 8.52 -28.53 26.13
CA LEU A 314 8.77 -27.22 26.70
C LEU A 314 10.23 -26.98 27.03
N ARG A 315 11.09 -27.98 26.91
CA ARG A 315 12.51 -27.81 27.17
C ARG A 315 13.14 -26.88 26.14
N ILE A 316 12.68 -26.94 24.90
CA ILE A 316 13.26 -26.15 23.83
C ILE A 316 12.93 -24.67 23.99
N SER A 317 11.71 -24.36 24.47
CA SER A 317 11.27 -22.97 24.55
C SER A 317 12.14 -22.17 25.51
N THR A 318 12.48 -22.74 26.67
CA THR A 318 13.21 -22.00 27.69
C THR A 318 14.66 -21.73 27.31
N ALA A 319 15.18 -22.35 26.25
CA ALA A 319 16.58 -22.18 25.88
C ALA A 319 16.89 -20.82 25.26
N SER A 320 15.89 -20.14 24.71
CA SER A 320 16.11 -18.84 24.08
C SER A 320 14.77 -18.15 23.91
N GLY A 321 14.79 -17.02 23.20
CA GLY A 321 13.61 -16.25 22.91
C GLY A 321 13.48 -14.96 23.71
N ASP A 322 14.30 -14.80 24.75
CA ASP A 322 14.47 -13.60 25.56
C ASP A 322 13.20 -12.77 25.75
N GLY A 323 12.10 -13.43 26.11
CA GLY A 323 10.87 -12.75 26.45
C GLY A 323 10.25 -11.93 25.33
N ARG A 324 10.30 -12.44 24.10
CA ARG A 324 9.70 -11.76 22.96
C ARG A 324 8.54 -12.58 22.41
N HIS A 325 8.57 -13.89 22.67
CA HIS A 325 7.48 -14.78 22.29
C HIS A 325 7.46 -15.95 23.26
N TYR A 326 6.28 -16.56 23.39
CA TYR A 326 5.96 -17.49 24.47
C TYR A 326 5.34 -18.75 23.89
N CYS A 327 5.21 -19.77 24.74
CA CYS A 327 4.60 -21.04 24.35
C CYS A 327 3.45 -21.35 25.29
N TYR A 328 2.34 -21.84 24.73
CA TYR A 328 1.12 -22.10 25.49
C TYR A 328 0.61 -23.49 25.18
N PRO A 329 1.12 -24.52 25.86
CA PRO A 329 0.73 -25.90 25.55
C PRO A 329 -0.66 -26.25 26.06
N HIS A 330 -1.13 -27.38 25.58
CA HIS A 330 -2.43 -27.96 25.93
C HIS A 330 -2.29 -29.47 25.75
N PHE A 331 -3.15 -30.22 26.43
CA PHE A 331 -3.17 -31.67 26.23
C PHE A 331 -4.43 -31.88 25.47
N THR A 332 -4.39 -32.10 24.17
CA THR A 332 -5.62 -32.21 23.36
C THR A 332 -6.07 -33.64 23.02
N CYS A 333 -7.26 -34.05 23.44
CA CYS A 333 -7.79 -35.36 23.07
C CYS A 333 -8.16 -35.36 21.58
N SER A 334 -8.45 -36.53 21.01
CA SER A 334 -8.82 -36.61 19.60
C SER A 334 -9.89 -35.58 19.25
N VAL A 335 -10.99 -35.58 20.00
CA VAL A 335 -12.07 -34.64 19.76
C VAL A 335 -11.69 -33.38 20.51
N ASP A 336 -11.66 -33.45 21.84
CA ASP A 336 -11.24 -32.32 22.67
C ASP A 336 -11.72 -30.95 22.20
N THR A 337 -13.04 -30.74 22.09
CA THR A 337 -13.49 -29.47 21.53
C THR A 337 -13.53 -28.23 22.45
N GLU A 338 -12.38 -27.81 22.96
CA GLU A 338 -12.33 -26.58 23.75
C GLU A 338 -11.22 -25.84 23.05
N ASN A 339 -10.70 -26.45 21.98
CA ASN A 339 -9.58 -25.87 21.20
C ASN A 339 -9.71 -24.38 20.84
N ALA A 340 -10.86 -23.95 20.34
CA ALA A 340 -11.13 -22.59 19.88
C ALA A 340 -11.06 -21.61 21.04
N ARG A 341 -11.64 -21.98 22.18
CA ARG A 341 -11.56 -21.12 23.36
C ARG A 341 -10.13 -21.00 23.84
N ARG A 342 -9.37 -22.09 23.79
CA ARG A 342 -7.98 -22.04 24.16
C ARG A 342 -7.30 -20.99 23.32
N ILE A 343 -7.71 -20.83 22.06
CA ILE A 343 -6.98 -19.94 21.15
C ILE A 343 -7.30 -18.49 21.48
N PHE A 344 -8.56 -18.19 21.77
CA PHE A 344 -8.94 -16.82 22.13
C PHE A 344 -8.21 -16.35 23.37
N ASN A 345 -8.17 -17.19 24.42
CA ASN A 345 -7.49 -16.82 25.65
C ASN A 345 -6.00 -16.61 25.42
N ASP A 346 -5.36 -17.51 24.68
CA ASP A 346 -3.93 -17.38 24.41
C ASP A 346 -3.63 -16.11 23.61
N CYS A 347 -4.46 -15.81 22.61
CA CYS A 347 -4.25 -14.59 21.82
C CYS A 347 -4.45 -13.34 22.65
N ARG A 348 -5.44 -13.37 23.54
CA ARG A 348 -5.73 -12.26 24.43
C ARG A 348 -4.52 -11.98 25.30
N ASP A 349 -3.94 -13.05 25.86
CA ASP A 349 -2.74 -12.92 26.68
C ASP A 349 -1.58 -12.38 25.88
N ILE A 350 -1.37 -12.89 24.66
CA ILE A 350 -0.25 -12.46 23.84
C ILE A 350 -0.33 -10.97 23.54
N ILE A 351 -1.52 -10.50 23.12
CA ILE A 351 -1.67 -9.11 22.74
C ILE A 351 -1.55 -8.19 23.96
N GLN A 352 -2.11 -8.61 25.10
CA GLN A 352 -1.99 -7.79 26.31
C GLN A 352 -0.54 -7.65 26.72
N ARG A 353 0.23 -8.75 26.69
CA ARG A 353 1.64 -8.65 27.02
C ARG A 353 2.40 -7.79 26.03
N MET A 354 2.02 -7.82 24.78
CA MET A 354 2.77 -7.09 23.80
C MET A 354 2.85 -5.63 24.01
N HIS A 355 1.74 -5.04 24.38
CA HIS A 355 1.62 -3.61 24.68
C HIS A 355 2.42 -3.12 25.89
N LEU A 356 2.48 -3.92 26.94
CA LEU A 356 3.17 -3.52 28.16
C LEU A 356 4.65 -3.21 27.91
N ARG A 357 5.18 -3.89 26.94
CA ARG A 357 6.58 -3.81 26.65
C ARG A 357 6.95 -2.58 25.95
N GLN A 358 5.92 -2.10 25.28
CA GLN A 358 5.88 -0.97 24.41
C GLN A 358 5.82 0.36 25.08
N TYR A 359 5.18 0.39 26.23
CA TYR A 359 4.97 1.56 27.08
C TYR A 359 5.92 1.63 28.27
N GLU A 360 6.89 0.71 28.30
CA GLU A 360 7.88 0.63 29.38
C GLU A 360 7.37 -0.07 30.65
N LEU A 361 6.13 -0.57 30.66
CA LEU A 361 5.52 -1.19 31.84
C LEU A 361 6.21 -2.51 32.18
N LEU A 362 6.70 -3.21 31.18
CA LEU A 362 7.47 -4.44 31.35
C LEU A 362 8.93 -4.17 31.03
N LEU B 9 25.70 -47.64 -11.58
CA LEU B 9 25.43 -46.21 -11.60
C LEU B 9 26.60 -45.46 -10.97
N ASP B 10 27.41 -46.18 -10.20
CA ASP B 10 28.56 -45.56 -9.55
C ASP B 10 29.69 -45.37 -10.55
N GLN B 11 29.62 -46.06 -11.68
CA GLN B 11 30.65 -45.90 -12.71
C GLN B 11 30.28 -44.76 -13.66
N LEU B 12 29.21 -44.06 -13.34
CA LEU B 12 28.78 -42.97 -14.20
C LEU B 12 29.21 -41.61 -13.65
N ARG B 13 29.11 -41.43 -12.34
CA ARG B 13 29.48 -40.15 -11.73
C ARG B 13 30.96 -39.83 -11.92
N GLN B 14 31.82 -40.84 -12.06
CA GLN B 14 33.22 -40.57 -12.33
C GLN B 14 33.40 -39.86 -13.66
N GLU B 15 32.69 -40.33 -14.69
CA GLU B 15 32.75 -39.72 -16.00
C GLU B 15 32.10 -38.35 -15.96
N ALA B 16 30.99 -38.24 -15.23
CA ALA B 16 30.31 -36.95 -15.10
C ALA B 16 31.24 -35.91 -14.50
N GLU B 17 31.96 -36.28 -13.44
CA GLU B 17 32.93 -35.38 -12.85
C GLU B 17 34.08 -35.08 -13.81
N GLN B 18 34.51 -36.09 -14.57
CA GLN B 18 35.56 -35.88 -15.56
C GLN B 18 35.12 -34.85 -16.61
N LEU B 19 33.87 -34.97 -17.08
CA LEU B 19 33.36 -34.02 -18.07
C LEU B 19 33.18 -32.63 -17.47
N LYS B 20 32.74 -32.55 -16.21
CA LYS B 20 32.66 -31.25 -15.54
C LYS B 20 34.04 -30.61 -15.43
N ASN B 21 35.06 -31.38 -15.06
CA ASN B 21 36.42 -30.86 -15.01
C ASN B 21 36.91 -30.44 -16.37
N GLN B 22 36.54 -31.16 -17.44
CA GLN B 22 36.92 -30.74 -18.81
C GLN B 22 36.31 -29.38 -19.07
N ILE B 23 35.02 -29.23 -18.77
CA ILE B 23 34.35 -27.98 -19.09
C ILE B 23 35.06 -26.80 -18.43
N ARG B 24 35.35 -26.95 -17.14
CA ARG B 24 36.03 -25.90 -16.39
C ARG B 24 37.40 -25.63 -16.97
N ASP B 25 38.15 -26.69 -17.26
CA ASP B 25 39.48 -26.53 -17.83
C ASP B 25 39.44 -25.81 -19.17
N ALA B 26 38.48 -26.15 -20.02
CA ALA B 26 38.33 -25.47 -21.30
C ALA B 26 37.99 -24.00 -21.11
N ARG B 27 37.11 -23.70 -20.16
CA ARG B 27 36.80 -22.30 -19.86
C ARG B 27 37.99 -21.56 -19.23
N LYS B 28 38.85 -22.28 -18.54
CA LYS B 28 39.99 -21.64 -17.87
C LYS B 28 41.00 -21.05 -18.85
N ALA B 29 41.17 -21.66 -20.03
CA ALA B 29 42.06 -21.08 -21.03
C ALA B 29 41.33 -20.06 -21.88
N CYS B 30 40.61 -19.14 -21.23
CA CYS B 30 40.03 -17.98 -21.90
C CYS B 30 40.17 -16.68 -21.12
N ALA B 31 40.38 -16.73 -19.80
CA ALA B 31 40.46 -15.52 -18.98
C ALA B 31 41.86 -14.94 -19.12
N ASP B 32 42.12 -14.31 -20.26
CA ASP B 32 43.42 -13.69 -20.48
C ASP B 32 43.58 -12.49 -19.56
N ALA B 33 42.60 -11.59 -19.56
CA ALA B 33 42.67 -10.40 -18.73
C ALA B 33 41.26 -10.07 -18.23
N THR B 34 41.16 -9.73 -16.95
CA THR B 34 39.88 -9.38 -16.35
C THR B 34 39.42 -8.00 -16.84
N LEU B 35 38.13 -7.72 -16.61
CA LEU B 35 37.57 -6.46 -17.07
C LEU B 35 38.32 -5.25 -16.55
N SER B 36 38.77 -5.31 -15.31
CA SER B 36 39.46 -4.15 -14.72
C SER B 36 40.64 -3.74 -15.59
N GLN B 37 41.37 -4.72 -16.14
CA GLN B 37 42.53 -4.41 -16.97
C GLN B 37 42.13 -3.57 -18.18
N ILE B 38 41.02 -3.93 -18.83
CA ILE B 38 40.56 -3.17 -19.98
C ILE B 38 40.00 -1.81 -19.55
N THR B 39 39.25 -1.78 -18.44
CA THR B 39 38.41 -0.64 -18.11
C THR B 39 39.09 0.34 -17.12
N ASN B 40 40.35 0.11 -16.76
CA ASN B 40 41.05 1.01 -15.84
C ASN B 40 41.39 2.36 -16.46
N ASN B 41 41.19 2.55 -17.75
CA ASN B 41 41.54 3.80 -18.42
C ASN B 41 40.31 4.51 -18.97
N ILE B 42 39.24 4.56 -18.18
CA ILE B 42 38.03 5.29 -18.55
C ILE B 42 37.60 6.13 -17.35
N ASP B 43 37.22 7.38 -17.67
CA ASP B 43 36.75 8.28 -16.64
C ASP B 43 35.41 7.81 -16.02
N PRO B 44 35.34 7.68 -14.67
CA PRO B 44 34.08 7.25 -14.07
C PRO B 44 33.05 8.37 -14.11
N VAL B 45 31.80 8.01 -13.78
CA VAL B 45 30.72 8.98 -13.75
C VAL B 45 30.81 9.93 -12.57
N GLY B 46 31.53 9.57 -11.51
CA GLY B 46 31.64 10.42 -10.35
C GLY B 46 30.50 10.23 -9.36
N ARG B 47 29.61 11.21 -9.28
CA ARG B 47 28.50 11.18 -8.35
C ARG B 47 27.18 11.37 -9.08
N ILE B 48 26.14 10.71 -8.58
CA ILE B 48 24.78 10.84 -9.10
C ILE B 48 23.90 11.35 -7.98
N GLN B 49 23.15 12.42 -8.24
CA GLN B 49 22.28 13.04 -7.26
C GLN B 49 20.83 12.87 -7.72
N MET B 50 20.18 11.82 -7.21
CA MET B 50 18.79 11.52 -7.54
C MET B 50 17.95 11.72 -6.29
N ARG B 51 16.85 12.47 -6.41
CA ARG B 51 15.99 12.77 -5.28
C ARG B 51 14.55 12.43 -5.62
N THR B 52 13.77 12.20 -4.57
CA THR B 52 12.38 11.79 -4.74
C THR B 52 11.58 12.88 -5.44
N ARG B 53 10.84 12.48 -6.47
CA ARG B 53 9.96 13.40 -7.18
C ARG B 53 8.48 13.14 -6.94
N ARG B 54 8.12 11.91 -6.56
CA ARG B 54 6.73 11.56 -6.28
C ARG B 54 6.72 10.55 -5.13
N THR B 55 5.57 10.45 -4.48
CA THR B 55 5.34 9.45 -3.45
C THR B 55 3.95 8.88 -3.64
N LEU B 56 3.88 7.56 -3.80
CA LEU B 56 2.62 6.88 -4.09
C LEU B 56 2.14 6.17 -2.82
N ARG B 57 0.94 6.54 -2.36
CA ARG B 57 0.39 5.97 -1.12
C ARG B 57 -0.99 5.36 -1.31
N GLY B 58 -1.36 4.42 -0.44
CA GLY B 58 -2.64 3.72 -0.58
C GLY B 58 -2.60 2.23 -0.38
N HIS B 59 -1.42 1.62 -0.32
CA HIS B 59 -1.33 0.19 -0.02
C HIS B 59 -1.41 -0.04 1.49
N LEU B 60 -2.01 -1.16 1.89
CA LEU B 60 -2.16 -1.47 3.32
C LEU B 60 -0.99 -2.28 3.87
N ALA B 61 -0.66 -3.40 3.23
CA ALA B 61 0.42 -4.26 3.68
C ALA B 61 1.68 -4.02 2.85
N LYS B 62 2.65 -4.92 2.96
CA LYS B 62 3.92 -4.78 2.27
C LYS B 62 3.76 -5.01 0.76
N ILE B 63 4.70 -4.46 0.00
CA ILE B 63 4.70 -4.56 -1.45
C ILE B 63 5.81 -5.53 -1.88
N TYR B 64 5.45 -6.53 -2.68
CA TYR B 64 6.40 -7.51 -3.17
C TYR B 64 6.83 -7.34 -4.62
N ALA B 65 6.02 -6.75 -5.49
CA ALA B 65 6.37 -6.66 -6.90
C ALA B 65 5.84 -5.37 -7.53
N MET B 66 6.48 -5.00 -8.64
CA MET B 66 5.97 -3.96 -9.53
C MET B 66 6.54 -4.18 -10.93
N HIS B 67 5.93 -3.51 -11.91
CA HIS B 67 6.36 -3.62 -13.29
C HIS B 67 5.98 -2.35 -14.05
N TRP B 68 6.98 -1.73 -14.69
CA TRP B 68 6.78 -0.56 -15.53
C TRP B 68 6.12 -0.92 -16.85
N GLY B 69 5.26 -0.03 -17.34
CA GLY B 69 4.68 -0.16 -18.66
C GLY B 69 5.56 0.46 -19.73
N THR B 70 5.42 -0.05 -20.95
CA THR B 70 6.25 0.45 -22.06
C THR B 70 5.90 1.88 -22.45
N ASP B 71 4.75 2.38 -22.03
CA ASP B 71 4.40 3.78 -22.19
C ASP B 71 5.36 4.72 -21.47
N SER B 72 6.10 4.21 -20.48
CA SER B 72 6.97 5.00 -19.60
C SER B 72 6.18 5.96 -18.71
N ARG B 73 4.90 5.70 -18.55
CA ARG B 73 4.03 6.56 -17.74
C ARG B 73 3.24 5.78 -16.68
N LEU B 74 2.79 4.57 -17.01
CA LEU B 74 1.98 3.76 -16.12
C LEU B 74 2.80 2.65 -15.47
N LEU B 75 2.33 2.16 -14.32
CA LEU B 75 2.99 1.08 -13.60
C LEU B 75 1.97 0.39 -12.70
N VAL B 76 2.28 -0.85 -12.32
CA VAL B 76 1.41 -1.69 -11.51
C VAL B 76 2.20 -2.25 -10.34
N SER B 77 1.52 -2.45 -9.20
CA SER B 77 2.16 -2.96 -8.00
C SER B 77 1.22 -3.91 -7.28
N ALA B 78 1.78 -4.77 -6.43
CA ALA B 78 1.02 -5.82 -5.75
C ALA B 78 1.39 -5.86 -4.27
N SER B 79 0.39 -6.03 -3.40
CA SER B 79 0.62 -6.12 -1.96
C SER B 79 -0.18 -7.29 -1.37
N GLN B 80 0.15 -7.65 -0.13
CA GLN B 80 -0.44 -8.81 0.54
C GLN B 80 -1.85 -8.58 1.05
N ASP B 81 -2.33 -7.36 1.10
CA ASP B 81 -3.74 -7.14 1.42
C ASP B 81 -4.66 -7.58 0.29
N GLY B 82 -4.12 -8.17 -0.78
CA GLY B 82 -4.91 -8.67 -1.88
C GLY B 82 -5.38 -7.57 -2.81
N LYS B 83 -4.44 -6.86 -3.42
CA LYS B 83 -4.78 -5.68 -4.22
C LYS B 83 -3.75 -5.46 -5.30
N LEU B 84 -4.23 -5.09 -6.49
CA LEU B 84 -3.40 -4.58 -7.58
C LEU B 84 -3.81 -3.14 -7.84
N ILE B 85 -2.83 -2.26 -8.00
CA ILE B 85 -3.08 -0.85 -8.27
C ILE B 85 -2.25 -0.44 -9.48
N ILE B 86 -2.88 0.30 -10.41
CA ILE B 86 -2.18 0.89 -11.55
C ILE B 86 -2.16 2.40 -11.36
N TRP B 87 -0.97 2.99 -11.40
CA TRP B 87 -0.77 4.40 -11.10
C TRP B 87 -0.54 5.20 -12.38
N ASP B 88 -0.60 6.53 -12.24
CA ASP B 88 -0.15 7.47 -13.25
C ASP B 88 1.02 8.23 -12.63
N SER B 89 2.23 8.01 -13.17
CA SER B 89 3.42 8.48 -12.49
C SER B 89 3.62 9.99 -12.60
N TYR B 90 2.96 10.64 -13.57
CA TYR B 90 3.13 12.08 -13.73
C TYR B 90 2.27 12.86 -12.74
N THR B 91 0.97 12.63 -12.76
CA THR B 91 0.01 13.37 -11.94
C THR B 91 -0.30 12.69 -10.61
N THR B 92 0.27 11.52 -10.34
CA THR B 92 0.10 10.75 -9.11
C THR B 92 -1.32 10.23 -8.95
N ASN B 93 -2.09 10.13 -10.04
CA ASN B 93 -3.45 9.61 -9.95
C ASN B 93 -3.44 8.08 -9.85
N LYS B 94 -4.61 7.53 -9.56
CA LYS B 94 -4.85 6.09 -9.60
C LYS B 94 -5.81 5.78 -10.72
N VAL B 95 -5.47 4.80 -11.55
CA VAL B 95 -6.28 4.47 -12.72
C VAL B 95 -7.18 3.27 -12.44
N HIS B 96 -6.63 2.24 -11.79
CA HIS B 96 -7.36 1.00 -11.49
C HIS B 96 -7.00 0.52 -10.09
N ALA B 97 -7.89 -0.29 -9.52
CA ALA B 97 -7.64 -0.97 -8.24
C ALA B 97 -8.33 -2.32 -8.29
N ILE B 98 -7.57 -3.39 -8.26
CA ILE B 98 -8.06 -4.74 -8.53
C ILE B 98 -7.88 -5.59 -7.29
N PRO B 99 -8.94 -6.22 -6.77
CA PRO B 99 -8.78 -7.17 -5.66
C PRO B 99 -8.55 -8.59 -6.15
N LEU B 100 -7.80 -9.35 -5.36
CA LEU B 100 -7.39 -10.69 -5.72
C LEU B 100 -8.19 -11.74 -4.95
N ARG B 101 -8.27 -12.94 -5.54
CA ARG B 101 -8.97 -14.05 -4.89
C ARG B 101 -8.15 -14.62 -3.74
N SER B 102 -6.83 -14.72 -3.92
CA SER B 102 -5.93 -15.17 -2.87
C SER B 102 -5.00 -14.03 -2.48
N SER B 103 -4.88 -13.78 -1.18
CA SER B 103 -4.18 -12.61 -0.69
C SER B 103 -2.68 -12.80 -0.56
N TRP B 104 -2.16 -13.99 -0.84
CA TRP B 104 -0.72 -14.22 -0.80
C TRP B 104 -0.16 -14.22 -2.22
N VAL B 105 -0.01 -13.01 -2.76
CA VAL B 105 0.54 -12.78 -4.09
C VAL B 105 2.03 -12.50 -3.95
N MET B 106 2.82 -12.89 -4.96
CA MET B 106 4.26 -12.71 -4.92
C MET B 106 4.85 -12.06 -6.16
N THR B 107 4.08 -11.90 -7.23
CA THR B 107 4.60 -11.35 -8.48
C THR B 107 3.54 -10.69 -9.36
N CYS B 108 3.93 -9.70 -10.16
CA CYS B 108 2.99 -9.08 -11.10
C CYS B 108 3.65 -8.77 -12.44
N ALA B 109 2.88 -8.76 -13.52
CA ALA B 109 3.42 -8.46 -14.85
C ALA B 109 2.52 -7.57 -15.68
N TYR B 110 3.09 -6.80 -16.60
CA TYR B 110 2.32 -5.92 -17.48
C TYR B 110 2.59 -6.37 -18.90
N ALA B 111 1.56 -6.49 -19.72
CA ALA B 111 1.74 -6.84 -21.13
C ALA B 111 2.46 -5.73 -21.89
N PRO B 112 3.25 -6.10 -22.91
CA PRO B 112 3.91 -5.08 -23.74
C PRO B 112 2.87 -4.22 -24.43
N SER B 113 1.78 -4.81 -24.91
CA SER B 113 0.70 -4.05 -25.51
C SER B 113 0.07 -3.12 -24.49
N GLY B 114 -0.04 -3.56 -23.24
CA GLY B 114 -0.69 -2.76 -22.22
C GLY B 114 -2.14 -3.14 -22.01
N ASN B 115 -2.58 -4.20 -22.67
CA ASN B 115 -3.95 -4.67 -22.51
C ASN B 115 -4.15 -5.68 -21.40
N TYR B 116 -3.07 -6.16 -20.77
CA TYR B 116 -3.21 -7.22 -19.77
C TYR B 116 -2.23 -7.21 -18.62
N VAL B 117 -2.62 -7.72 -17.45
CA VAL B 117 -1.70 -7.89 -16.34
C VAL B 117 -1.90 -9.29 -15.78
N ALA B 118 -0.91 -9.74 -15.01
CA ALA B 118 -0.93 -11.07 -14.42
C ALA B 118 -0.35 -11.02 -13.01
N CYS B 119 -0.68 -12.02 -12.21
CA CYS B 119 -0.14 -12.15 -10.86
C CYS B 119 -0.28 -13.60 -10.41
N GLY B 120 0.43 -13.93 -9.34
CA GLY B 120 0.36 -15.27 -8.78
C GLY B 120 1.15 -15.33 -7.48
N GLY B 121 0.96 -16.44 -6.77
CA GLY B 121 1.60 -16.61 -5.48
C GLY B 121 1.42 -17.97 -4.84
N LEU B 122 1.13 -18.01 -3.54
CA LEU B 122 1.02 -19.27 -2.81
C LEU B 122 -0.33 -19.92 -3.05
N ASP B 123 -0.72 -20.05 -4.31
CA ASP B 123 -1.95 -20.76 -4.65
C ASP B 123 -1.78 -21.67 -5.85
N ASN B 124 -0.57 -21.76 -6.42
CA ASN B 124 -0.24 -22.61 -7.55
C ASN B 124 -1.00 -22.22 -8.82
N ILE B 125 -1.39 -20.95 -8.96
CA ILE B 125 -2.16 -20.48 -10.09
C ILE B 125 -1.57 -19.16 -10.58
N CYS B 126 -1.56 -18.97 -11.90
CA CYS B 126 -1.22 -17.70 -12.52
C CYS B 126 -2.44 -17.16 -13.24
N SER B 127 -2.91 -15.99 -12.83
CA SER B 127 -4.16 -15.41 -13.33
C SER B 127 -3.85 -14.30 -14.33
N ILE B 128 -4.79 -14.09 -15.25
CA ILE B 128 -4.67 -13.11 -16.32
C ILE B 128 -5.88 -12.18 -16.25
N TYR B 129 -5.61 -10.87 -16.31
CA TYR B 129 -6.65 -9.85 -16.20
C TYR B 129 -6.71 -9.05 -17.49
N ASN B 130 -7.92 -8.71 -17.91
CA ASN B 130 -8.15 -7.98 -19.16
C ASN B 130 -8.47 -6.52 -18.84
N LEU B 131 -7.59 -5.62 -19.27
CA LEU B 131 -7.70 -4.20 -18.95
C LEU B 131 -8.62 -3.45 -19.90
N LYS B 132 -8.83 -3.94 -21.12
CA LYS B 132 -9.61 -3.24 -22.14
C LYS B 132 -10.86 -4.06 -22.44
N THR B 133 -11.95 -3.74 -21.76
CA THR B 133 -13.22 -4.44 -21.95
C THR B 133 -14.33 -3.44 -22.29
N ARG B 134 -15.36 -3.95 -22.97
CA ARG B 134 -16.51 -3.12 -23.31
C ARG B 134 -17.19 -2.59 -22.06
N GLU B 135 -17.10 -3.34 -20.95
CA GLU B 135 -17.59 -2.86 -19.66
C GLU B 135 -16.43 -2.33 -18.83
N GLY B 136 -16.68 -1.27 -18.08
CA GLY B 136 -15.62 -0.66 -17.31
C GLY B 136 -15.30 -1.40 -16.02
N ASN B 137 -14.82 -2.63 -16.13
CA ASN B 137 -14.36 -3.37 -14.97
C ASN B 137 -13.31 -4.39 -15.40
N VAL B 138 -12.19 -4.41 -14.68
CA VAL B 138 -11.14 -5.38 -14.96
C VAL B 138 -11.61 -6.74 -14.48
N ARG B 139 -11.56 -7.74 -15.36
CA ARG B 139 -12.06 -9.07 -15.07
C ARG B 139 -10.96 -10.10 -15.33
N VAL B 140 -11.06 -11.23 -14.62
CA VAL B 140 -10.15 -12.35 -14.81
C VAL B 140 -10.62 -13.16 -16.01
N SER B 141 -9.68 -13.56 -16.86
CA SER B 141 -10.01 -14.23 -18.11
C SER B 141 -9.34 -15.59 -18.29
N ARG B 142 -8.28 -15.88 -17.55
CA ARG B 142 -7.59 -17.15 -17.69
C ARG B 142 -6.83 -17.47 -16.41
N GLU B 143 -7.06 -18.67 -15.87
CA GLU B 143 -6.35 -19.17 -14.70
C GLU B 143 -5.52 -20.37 -15.14
N LEU B 144 -4.21 -20.29 -14.91
CA LEU B 144 -3.29 -21.32 -15.37
C LEU B 144 -2.93 -22.24 -14.21
N ALA B 145 -3.46 -23.47 -14.25
CA ALA B 145 -3.24 -24.46 -13.20
C ALA B 145 -2.41 -25.61 -13.75
N GLY B 146 -1.56 -26.16 -12.89
CA GLY B 146 -0.68 -27.24 -13.30
C GLY B 146 0.66 -27.26 -12.63
N HIS B 147 1.04 -26.16 -11.98
CA HIS B 147 2.24 -26.15 -11.16
C HIS B 147 1.95 -26.76 -9.79
N THR B 148 3.00 -27.32 -9.18
CA THR B 148 2.87 -27.98 -7.89
C THR B 148 3.40 -27.13 -6.74
N GLY B 149 4.30 -26.19 -7.01
CA GLY B 149 4.74 -25.23 -6.02
C GLY B 149 4.24 -23.84 -6.33
N TYR B 150 4.60 -22.90 -5.46
CA TYR B 150 4.13 -21.53 -5.58
C TYR B 150 4.80 -20.82 -6.74
N LEU B 151 4.14 -19.79 -7.25
CA LEU B 151 4.65 -19.01 -8.38
C LEU B 151 5.56 -17.89 -7.88
N SER B 152 6.75 -17.81 -8.44
CA SER B 152 7.71 -16.79 -8.02
C SER B 152 7.81 -15.61 -8.98
N CYS B 153 7.93 -15.88 -10.28
CA CYS B 153 7.99 -14.80 -11.27
C CYS B 153 7.26 -15.13 -12.55
N CYS B 154 6.66 -14.14 -13.19
CA CYS B 154 5.99 -14.35 -14.48
C CYS B 154 6.28 -13.20 -15.45
N ARG B 155 6.51 -13.51 -16.72
CA ARG B 155 6.71 -12.46 -17.75
C ARG B 155 5.97 -12.81 -19.04
N PHE B 156 5.41 -11.82 -19.71
CA PHE B 156 4.69 -12.04 -20.98
C PHE B 156 5.63 -12.05 -22.17
N LEU B 157 5.72 -13.17 -22.88
CA LEU B 157 6.50 -13.18 -24.11
C LEU B 157 5.75 -12.27 -25.08
N ASP B 158 4.43 -12.39 -25.09
CA ASP B 158 3.58 -11.56 -25.95
C ASP B 158 2.18 -11.70 -25.37
N ASP B 159 1.17 -11.23 -26.10
CA ASP B 159 -0.21 -11.31 -25.61
C ASP B 159 -0.71 -12.72 -25.37
N ASN B 160 -0.34 -13.68 -26.22
CA ASN B 160 -0.84 -15.05 -26.08
C ASN B 160 0.18 -16.05 -25.51
N GLN B 161 1.37 -15.59 -25.15
CA GLN B 161 2.36 -16.49 -24.57
C GLN B 161 2.91 -15.90 -23.29
N ILE B 162 3.09 -16.75 -22.28
CA ILE B 162 3.59 -16.32 -20.97
C ILE B 162 4.48 -17.43 -20.43
N VAL B 163 5.53 -17.03 -19.71
CA VAL B 163 6.49 -17.95 -19.10
C VAL B 163 6.45 -17.75 -17.59
N THR B 164 6.29 -18.84 -16.86
CA THR B 164 6.14 -18.80 -15.41
C THR B 164 7.27 -19.53 -14.71
N SER B 165 7.57 -19.10 -13.48
CA SER B 165 8.63 -19.73 -12.67
C SER B 165 7.91 -20.21 -11.43
N SER B 166 8.24 -21.38 -10.93
CA SER B 166 7.51 -22.00 -9.83
C SER B 166 8.44 -22.44 -8.71
N GLY B 167 7.83 -22.88 -7.61
CA GLY B 167 8.57 -23.36 -6.47
C GLY B 167 8.70 -24.87 -6.44
N ASP B 168 8.35 -25.53 -7.55
CA ASP B 168 8.49 -26.98 -7.69
C ASP B 168 9.71 -27.34 -8.53
N THR B 169 10.68 -26.42 -8.62
CA THR B 169 11.94 -26.59 -9.32
C THR B 169 11.78 -26.72 -10.84
N THR B 170 10.69 -26.21 -11.41
CA THR B 170 10.47 -26.27 -12.85
C THR B 170 10.00 -24.91 -13.37
N CYS B 171 10.21 -24.71 -14.66
CA CYS B 171 9.65 -23.59 -15.40
C CYS B 171 8.69 -24.14 -16.45
N ALA B 172 7.90 -23.26 -17.05
CA ALA B 172 6.95 -23.70 -18.06
C ALA B 172 6.70 -22.57 -19.05
N LEU B 173 6.35 -22.96 -20.26
CA LEU B 173 5.86 -22.05 -21.30
C LEU B 173 4.41 -22.40 -21.56
N TRP B 174 3.53 -21.42 -21.46
CA TRP B 174 2.09 -21.65 -21.52
C TRP B 174 1.51 -21.11 -22.81
N ASP B 175 0.19 -21.29 -22.94
CA ASP B 175 -0.57 -20.85 -24.10
C ASP B 175 -1.92 -20.39 -23.58
N ILE B 176 -2.12 -19.08 -23.52
CA ILE B 176 -3.26 -18.52 -22.80
C ILE B 176 -4.59 -18.89 -23.46
N GLU B 177 -4.59 -19.05 -24.80
CA GLU B 177 -5.84 -19.33 -25.49
C GLU B 177 -6.45 -20.66 -25.06
N THR B 178 -5.62 -21.70 -24.93
CA THR B 178 -6.11 -23.00 -24.48
C THR B 178 -5.86 -23.25 -23.00
N GLY B 179 -4.81 -22.67 -22.44
CA GLY B 179 -4.52 -22.84 -21.03
C GLY B 179 -3.66 -24.03 -20.69
N GLN B 180 -3.04 -24.66 -21.69
CA GLN B 180 -2.22 -25.85 -21.48
C GLN B 180 -0.77 -25.51 -21.73
N GLN B 181 0.11 -26.12 -20.94
CA GLN B 181 1.54 -25.95 -21.15
C GLN B 181 1.93 -26.49 -22.52
N THR B 182 2.70 -25.71 -23.26
CA THR B 182 3.29 -26.20 -24.50
C THR B 182 4.70 -26.72 -24.32
N THR B 183 5.36 -26.36 -23.22
CA THR B 183 6.70 -26.83 -22.93
C THR B 183 6.88 -26.84 -21.41
N THR B 184 7.61 -27.84 -20.92
CA THR B 184 8.02 -27.89 -19.53
C THR B 184 9.54 -27.87 -19.49
N PHE B 185 10.10 -26.98 -18.68
CA PHE B 185 11.54 -26.83 -18.55
C PHE B 185 11.93 -27.40 -17.19
N THR B 186 12.53 -28.58 -17.20
CA THR B 186 12.95 -29.27 -16.00
C THR B 186 14.47 -29.33 -15.91
N GLY B 187 14.97 -29.53 -14.69
CA GLY B 187 16.40 -29.67 -14.49
C GLY B 187 16.94 -29.03 -13.22
N HIS B 188 16.33 -27.94 -12.79
CA HIS B 188 16.75 -27.32 -11.53
C HIS B 188 16.43 -28.22 -10.36
N THR B 189 17.35 -28.27 -9.39
CA THR B 189 17.16 -29.12 -8.22
C THR B 189 16.52 -28.38 -7.06
N GLY B 190 16.84 -27.10 -6.88
CA GLY B 190 16.16 -26.23 -5.95
C GLY B 190 15.16 -25.35 -6.66
N ASP B 191 14.23 -24.78 -5.90
CA ASP B 191 13.18 -23.93 -6.46
C ASP B 191 13.61 -22.70 -7.23
N VAL B 192 13.01 -22.48 -8.39
CA VAL B 192 13.34 -21.26 -9.09
C VAL B 192 12.71 -20.04 -8.49
N MET B 193 13.45 -18.94 -8.49
CA MET B 193 12.96 -17.75 -7.80
C MET B 193 12.74 -16.54 -8.69
N SER B 194 13.35 -16.54 -9.87
CA SER B 194 13.26 -15.38 -10.76
C SER B 194 13.59 -15.80 -12.18
N LEU B 195 13.28 -14.89 -13.11
CA LEU B 195 13.56 -15.12 -14.52
C LEU B 195 13.62 -13.77 -15.25
N SER B 196 14.27 -13.73 -16.41
CA SER B 196 14.36 -12.53 -17.22
C SER B 196 14.34 -12.92 -18.68
N LEU B 197 13.63 -12.14 -19.49
CA LEU B 197 13.55 -12.35 -20.93
C LEU B 197 14.64 -11.59 -21.66
N ALA B 198 14.91 -12.04 -22.87
CA ALA B 198 15.77 -11.41 -23.86
C ALA B 198 14.98 -10.42 -24.71
N PRO B 199 15.62 -9.36 -25.20
CA PRO B 199 14.88 -8.37 -26.02
C PRO B 199 14.26 -8.97 -27.27
N ASP B 200 14.87 -9.99 -27.86
CA ASP B 200 14.31 -10.65 -29.04
C ASP B 200 13.28 -11.71 -28.70
N THR B 201 13.06 -11.99 -27.41
CA THR B 201 12.07 -12.98 -26.95
C THR B 201 12.32 -14.36 -27.58
N ARG B 202 13.60 -14.73 -27.69
CA ARG B 202 13.99 -16.05 -28.14
C ARG B 202 14.72 -16.86 -27.08
N LEU B 203 15.12 -16.24 -25.97
CA LEU B 203 15.83 -16.92 -24.90
C LEU B 203 15.44 -16.27 -23.57
N PHE B 204 15.69 -16.98 -22.48
CA PHE B 204 15.43 -16.44 -21.15
C PHE B 204 16.33 -17.12 -20.14
N VAL B 205 16.63 -16.42 -19.04
CA VAL B 205 17.44 -16.95 -17.96
C VAL B 205 16.55 -17.22 -16.76
N SER B 206 17.12 -17.87 -15.74
CA SER B 206 16.39 -18.22 -14.52
C SER B 206 17.36 -18.61 -13.43
N GLY B 207 17.06 -18.21 -12.21
CA GLY B 207 17.87 -18.57 -11.05
C GLY B 207 17.04 -19.37 -10.06
N ALA B 208 17.73 -20.16 -9.24
CA ALA B 208 17.08 -21.06 -8.29
C ALA B 208 17.77 -20.99 -6.93
N CYS B 209 17.25 -21.76 -5.98
CA CYS B 209 17.81 -21.84 -4.64
C CYS B 209 19.01 -22.78 -4.53
N ASP B 210 19.32 -23.54 -5.59
CA ASP B 210 20.52 -24.36 -5.62
C ASP B 210 21.74 -23.60 -6.12
N ALA B 211 21.71 -22.26 -6.05
CA ALA B 211 22.84 -21.41 -6.40
C ALA B 211 23.31 -21.63 -7.84
N SER B 212 22.39 -21.84 -8.77
CA SER B 212 22.74 -22.04 -10.16
C SER B 212 21.78 -21.28 -11.06
N ALA B 213 22.32 -20.71 -12.13
CA ALA B 213 21.55 -19.99 -13.14
C ALA B 213 21.70 -20.69 -14.49
N LYS B 214 20.57 -20.95 -15.15
CA LYS B 214 20.56 -21.74 -16.37
C LYS B 214 19.90 -20.96 -17.50
N LEU B 215 20.43 -21.13 -18.70
CA LEU B 215 19.90 -20.52 -19.92
C LEU B 215 19.02 -21.52 -20.65
N TRP B 216 17.84 -21.07 -21.05
CA TRP B 216 16.84 -21.94 -21.68
C TRP B 216 16.49 -21.43 -23.06
N ASP B 217 16.18 -22.35 -23.97
CA ASP B 217 15.76 -22.03 -25.33
C ASP B 217 14.25 -22.21 -25.41
N VAL B 218 13.55 -21.15 -25.82
CA VAL B 218 12.08 -21.19 -25.81
C VAL B 218 11.55 -22.14 -26.88
N ARG B 219 12.11 -22.08 -28.09
CA ARG B 219 11.59 -22.89 -29.18
C ARG B 219 12.02 -24.35 -29.03
N GLU B 220 13.27 -24.58 -28.63
CA GLU B 220 13.78 -25.94 -28.43
C GLU B 220 13.19 -26.61 -27.19
N GLY B 221 12.89 -25.84 -26.16
CA GLY B 221 12.42 -26.39 -24.91
C GLY B 221 13.46 -27.22 -24.18
N MET B 222 14.73 -26.80 -24.23
CA MET B 222 15.81 -27.55 -23.63
C MET B 222 16.83 -26.58 -23.04
N CYS B 223 17.57 -27.06 -22.04
CA CYS B 223 18.64 -26.28 -21.46
C CYS B 223 19.77 -26.08 -22.46
N ARG B 224 20.37 -24.89 -22.42
CA ARG B 224 21.44 -24.54 -23.33
C ARG B 224 22.77 -24.29 -22.63
N GLN B 225 22.76 -23.74 -21.43
CA GLN B 225 24.00 -23.34 -20.77
C GLN B 225 23.76 -23.22 -19.28
N THR B 226 24.85 -23.22 -18.51
CA THR B 226 24.80 -23.14 -17.07
C THR B 226 25.85 -22.16 -16.56
N PHE B 227 25.53 -21.44 -15.49
CA PHE B 227 26.42 -20.50 -14.84
C PHE B 227 26.42 -20.77 -13.34
N THR B 228 27.57 -20.56 -12.71
CA THR B 228 27.73 -20.80 -11.27
C THR B 228 28.62 -19.73 -10.66
N GLY B 229 28.71 -19.73 -9.33
CA GLY B 229 29.59 -18.82 -8.64
C GLY B 229 29.12 -18.28 -7.30
N HIS B 230 27.82 -18.33 -7.03
CA HIS B 230 27.29 -17.83 -5.76
C HIS B 230 27.38 -18.86 -4.64
N GLU B 231 27.59 -18.34 -3.42
CA GLU B 231 27.62 -19.18 -2.23
C GLU B 231 26.21 -19.58 -1.81
N SER B 232 25.24 -18.70 -1.97
CA SER B 232 23.87 -18.89 -1.50
C SER B 232 22.91 -18.86 -2.69
N ASP B 233 21.62 -18.85 -2.38
CA ASP B 233 20.58 -18.93 -3.39
C ASP B 233 20.46 -17.63 -4.17
N ILE B 234 19.61 -17.65 -5.20
CA ILE B 234 19.42 -16.54 -6.12
C ILE B 234 18.09 -15.85 -5.83
N ASN B 235 18.14 -14.53 -5.64
CA ASN B 235 16.96 -13.73 -5.32
C ASN B 235 16.36 -13.01 -6.52
N ALA B 236 17.18 -12.38 -7.35
CA ALA B 236 16.70 -11.64 -8.51
C ALA B 236 17.77 -11.63 -9.58
N ILE B 237 17.33 -11.65 -10.84
CA ILE B 237 18.21 -11.76 -12.00
C ILE B 237 17.80 -10.69 -13.02
N CYS B 238 18.80 -10.06 -13.63
CA CYS B 238 18.55 -9.03 -14.64
C CYS B 238 19.44 -9.30 -15.84
N PHE B 239 19.13 -8.66 -16.96
CA PHE B 239 19.70 -9.03 -18.25
C PHE B 239 20.14 -7.77 -19.01
N PHE B 240 21.32 -7.82 -19.62
CA PHE B 240 21.95 -6.65 -20.21
C PHE B 240 21.21 -6.20 -21.47
N PRO B 241 21.29 -4.91 -21.81
CA PRO B 241 20.59 -4.42 -23.02
C PRO B 241 21.03 -5.05 -24.32
N ASN B 242 22.31 -5.42 -24.48
CA ASN B 242 22.77 -6.03 -25.73
C ASN B 242 22.11 -7.37 -26.01
N GLY B 243 21.78 -8.14 -24.98
CA GLY B 243 21.42 -9.52 -25.15
C GLY B 243 22.56 -10.49 -24.98
N ASN B 244 23.71 -10.04 -24.47
CA ASN B 244 24.88 -10.88 -24.29
C ASN B 244 25.22 -11.16 -22.84
N ALA B 245 24.80 -10.32 -21.89
CA ALA B 245 25.17 -10.45 -20.50
C ALA B 245 23.93 -10.43 -19.63
N PHE B 246 24.10 -10.88 -18.38
CA PHE B 246 23.02 -10.84 -17.39
C PHE B 246 23.63 -10.76 -16.01
N ALA B 247 22.98 -10.01 -15.12
CA ALA B 247 23.44 -9.79 -13.76
C ALA B 247 22.36 -10.21 -12.78
N THR B 248 22.80 -10.72 -11.63
CA THR B 248 21.93 -11.35 -10.65
C THR B 248 22.22 -10.85 -9.25
N GLY B 249 21.40 -11.29 -8.29
CA GLY B 249 21.56 -10.93 -6.89
C GLY B 249 21.29 -12.09 -5.96
N SER B 250 22.13 -12.25 -4.94
CA SER B 250 22.04 -13.40 -4.05
C SER B 250 21.78 -12.98 -2.61
N ASP B 251 21.78 -13.94 -1.69
CA ASP B 251 21.57 -13.68 -0.28
C ASP B 251 22.86 -13.42 0.47
N ASP B 252 24.00 -13.37 -0.21
CA ASP B 252 25.29 -13.17 0.42
C ASP B 252 25.92 -11.82 0.05
N ALA B 253 25.10 -10.83 -0.26
CA ALA B 253 25.55 -9.47 -0.56
C ALA B 253 26.55 -9.45 -1.71
N THR B 254 26.22 -10.17 -2.78
CA THR B 254 27.12 -10.29 -3.92
C THR B 254 26.31 -10.12 -5.21
N CYS B 255 26.98 -9.60 -6.24
CA CYS B 255 26.35 -9.36 -7.54
C CYS B 255 27.41 -9.46 -8.62
N ARG B 256 27.14 -10.26 -9.65
CA ARG B 256 28.08 -10.54 -10.73
C ARG B 256 27.54 -10.04 -12.06
N LEU B 257 28.28 -10.35 -13.13
CA LEU B 257 27.82 -10.12 -14.50
C LEU B 257 28.43 -11.19 -15.39
N PHE B 258 27.67 -12.25 -15.66
CA PHE B 258 28.13 -13.34 -16.53
C PHE B 258 27.80 -13.05 -18.00
N ASP B 259 28.67 -13.52 -18.88
CA ASP B 259 28.46 -13.44 -20.31
C ASP B 259 27.89 -14.74 -20.85
N LEU B 260 27.24 -14.66 -22.01
CA LEU B 260 26.70 -15.84 -22.68
C LEU B 260 27.77 -16.57 -23.48
N ARG B 261 28.44 -15.86 -24.39
CA ARG B 261 29.43 -16.51 -25.25
C ARG B 261 30.74 -16.79 -24.52
N ALA B 262 31.12 -15.91 -23.60
CA ALA B 262 32.35 -16.13 -22.85
C ALA B 262 32.21 -17.28 -21.86
N ASP B 263 30.99 -17.51 -21.36
CA ASP B 263 30.72 -18.60 -20.42
C ASP B 263 31.55 -18.55 -19.14
N GLN B 264 31.58 -17.38 -18.51
CA GLN B 264 32.33 -17.23 -17.27
C GLN B 264 31.87 -15.97 -16.54
N GLU B 265 32.49 -15.73 -15.39
CA GLU B 265 32.09 -14.63 -14.52
C GLU B 265 33.04 -13.45 -14.70
N LEU B 266 32.47 -12.26 -14.88
CA LEU B 266 33.21 -11.03 -15.04
C LEU B 266 33.39 -10.37 -13.67
N MET B 267 33.75 -9.08 -13.69
CA MET B 267 34.01 -8.32 -12.47
C MET B 267 32.80 -8.36 -11.53
N THR B 268 33.08 -8.51 -10.25
CA THR B 268 32.08 -8.71 -9.21
C THR B 268 31.86 -7.41 -8.44
N TYR B 269 30.59 -7.05 -8.23
CA TYR B 269 30.22 -5.81 -7.57
C TYR B 269 29.79 -6.13 -6.14
N SER B 270 30.71 -5.92 -5.19
CA SER B 270 30.43 -6.18 -3.79
C SER B 270 31.29 -5.26 -2.93
N HIS B 271 30.88 -5.12 -1.68
CA HIS B 271 31.62 -4.30 -0.74
C HIS B 271 31.61 -5.04 0.57
N ASP B 272 32.47 -4.66 1.50
CA ASP B 272 32.60 -5.35 2.78
C ASP B 272 31.75 -4.76 3.89
N ASN B 273 31.10 -3.62 3.68
CA ASN B 273 30.24 -3.04 4.69
C ASN B 273 28.80 -3.52 4.61
N ILE B 274 28.49 -4.44 3.70
CA ILE B 274 27.13 -4.92 3.49
C ILE B 274 27.06 -6.39 3.91
N ILE B 275 26.12 -6.70 4.80
CA ILE B 275 25.97 -8.05 5.32
C ILE B 275 24.70 -8.73 4.80
N CYS B 276 23.63 -7.97 4.62
CA CYS B 276 22.36 -8.53 4.17
C CYS B 276 22.34 -8.85 2.69
N GLY B 277 21.34 -9.60 2.24
CA GLY B 277 21.29 -10.01 0.85
C GLY B 277 20.41 -9.13 -0.02
N ILE B 278 20.62 -9.24 -1.33
CA ILE B 278 19.92 -8.42 -2.32
C ILE B 278 18.52 -8.99 -2.51
N THR B 279 17.60 -8.11 -2.92
CA THR B 279 16.22 -8.50 -3.21
C THR B 279 15.82 -8.23 -4.65
N SER B 280 16.37 -7.21 -5.29
CA SER B 280 16.01 -6.91 -6.67
C SER B 280 17.15 -6.17 -7.36
N VAL B 281 17.28 -6.40 -8.66
CA VAL B 281 18.29 -5.74 -9.49
C VAL B 281 17.62 -5.20 -10.74
N SER B 282 18.27 -4.23 -11.38
CA SER B 282 17.80 -3.65 -12.63
C SER B 282 18.95 -2.95 -13.32
N PHE B 283 18.72 -2.51 -14.55
CA PHE B 283 19.74 -1.90 -15.39
C PHE B 283 19.29 -0.54 -15.90
N SER B 284 20.25 0.24 -16.37
CA SER B 284 20.00 1.52 -17.03
C SER B 284 19.86 1.32 -18.54
N LYS B 285 19.48 2.39 -19.23
CA LYS B 285 19.25 2.32 -20.67
C LYS B 285 20.51 1.97 -21.45
N SER B 286 21.68 2.33 -20.94
CA SER B 286 22.94 2.08 -21.64
C SER B 286 23.85 1.11 -20.92
N GLY B 287 23.44 0.57 -19.77
CA GLY B 287 24.29 -0.30 -19.00
C GLY B 287 25.43 0.38 -18.28
N ARG B 288 25.32 1.69 -18.02
CA ARG B 288 26.35 2.43 -17.31
C ARG B 288 26.13 2.47 -15.81
N LEU B 289 24.93 2.13 -15.34
CA LEU B 289 24.63 2.08 -13.92
C LEU B 289 23.94 0.76 -13.58
N LEU B 290 24.32 0.19 -12.45
CA LEU B 290 23.66 -1.00 -11.92
C LEU B 290 23.11 -0.64 -10.54
N LEU B 291 21.81 -0.83 -10.36
CA LEU B 291 21.14 -0.54 -9.10
C LEU B 291 20.56 -1.81 -8.50
N ALA B 292 20.65 -1.94 -7.18
CA ALA B 292 20.15 -3.11 -6.49
C ALA B 292 19.53 -2.71 -5.16
N GLY B 293 18.37 -3.30 -4.84
CA GLY B 293 17.75 -3.09 -3.55
C GLY B 293 18.24 -4.12 -2.54
N TYR B 294 18.53 -3.64 -1.34
CA TYR B 294 19.08 -4.48 -0.28
C TYR B 294 18.10 -4.58 0.88
N ASP B 295 18.48 -5.38 1.88
CA ASP B 295 17.67 -5.52 3.08
C ASP B 295 17.94 -4.42 4.09
N ASP B 296 19.05 -3.68 3.96
CA ASP B 296 19.34 -2.62 4.90
C ASP B 296 18.66 -1.32 4.50
N PHE B 297 17.37 -1.40 4.18
CA PHE B 297 16.50 -0.23 4.03
C PHE B 297 16.92 0.69 2.88
N ASN B 298 17.98 0.35 2.17
CA ASN B 298 18.59 1.26 1.20
C ASN B 298 18.39 0.74 -0.22
N CYS B 299 19.00 1.44 -1.17
CA CYS B 299 18.97 1.03 -2.58
C CYS B 299 20.25 1.57 -3.22
N ASN B 300 21.28 0.74 -3.28
CA ASN B 300 22.59 1.16 -3.75
C ASN B 300 22.60 1.35 -5.26
N VAL B 301 23.51 2.20 -5.74
CA VAL B 301 23.73 2.41 -7.16
C VAL B 301 25.23 2.30 -7.42
N TRP B 302 25.60 1.50 -8.42
CA TRP B 302 27.00 1.20 -8.70
C TRP B 302 27.38 1.65 -10.11
N ASP B 303 28.67 1.84 -10.33
CA ASP B 303 29.22 2.05 -11.66
C ASP B 303 29.36 0.69 -12.35
N ALA B 304 28.60 0.48 -13.43
CA ALA B 304 28.49 -0.84 -14.03
C ALA B 304 29.73 -1.25 -14.80
N LEU B 305 30.74 -0.39 -14.92
CA LEU B 305 31.96 -0.73 -15.64
C LEU B 305 33.18 -0.84 -14.74
N LYS B 306 33.28 -0.03 -13.69
CA LYS B 306 34.47 0.01 -12.85
C LYS B 306 34.24 -0.43 -11.41
N ALA B 307 33.04 -0.91 -11.09
CA ALA B 307 32.70 -1.39 -9.73
C ALA B 307 32.98 -0.31 -8.68
N ASP B 308 32.47 0.89 -8.94
CA ASP B 308 32.56 2.00 -7.99
C ASP B 308 31.15 2.30 -7.47
N ARG B 309 30.99 2.25 -6.16
CA ARG B 309 29.71 2.60 -5.54
C ARG B 309 29.52 4.10 -5.60
N ALA B 310 28.56 4.56 -6.39
CA ALA B 310 28.32 5.98 -6.62
C ALA B 310 26.81 6.25 -6.54
N GLY B 311 26.36 6.68 -5.36
CA GLY B 311 24.96 7.04 -5.21
C GLY B 311 24.22 6.07 -4.33
N VAL B 312 23.49 6.62 -3.36
CA VAL B 312 22.64 5.85 -2.46
C VAL B 312 21.27 6.50 -2.44
N LEU B 313 20.23 5.69 -2.65
CA LEU B 313 18.85 6.16 -2.69
C LEU B 313 18.19 5.80 -1.37
N ALA B 314 18.37 6.65 -0.36
CA ALA B 314 17.78 6.47 0.94
C ALA B 314 16.42 7.14 1.01
N GLY B 315 15.57 6.66 1.92
CA GLY B 315 14.24 7.22 2.05
C GLY B 315 13.18 6.23 2.46
N HIS B 316 13.49 4.93 2.45
CA HIS B 316 12.57 3.92 2.93
C HIS B 316 12.94 3.53 4.36
N ASP B 317 11.93 3.12 5.12
CA ASP B 317 12.11 2.74 6.52
C ASP B 317 11.96 1.24 6.75
N ASN B 318 11.93 0.43 5.70
CA ASN B 318 11.84 -1.01 5.82
C ASN B 318 12.58 -1.65 4.64
N ARG B 319 12.37 -2.94 4.47
CA ARG B 319 13.09 -3.68 3.44
C ARG B 319 12.62 -3.29 2.04
N VAL B 320 13.58 -3.06 1.14
CA VAL B 320 13.28 -2.77 -0.25
C VAL B 320 13.05 -4.09 -0.97
N SER B 321 11.87 -4.24 -1.58
CA SER B 321 11.48 -5.52 -2.15
C SER B 321 11.54 -5.57 -3.67
N CYS B 322 11.53 -4.43 -4.35
CA CYS B 322 11.47 -4.42 -5.80
C CYS B 322 12.04 -3.11 -6.35
N LEU B 323 12.35 -3.13 -7.65
CA LEU B 323 12.93 -2.00 -8.37
C LEU B 323 12.33 -1.94 -9.76
N GLY B 324 12.79 -0.96 -10.54
CA GLY B 324 12.35 -0.82 -11.92
C GLY B 324 12.84 0.45 -12.58
N VAL B 325 13.33 0.33 -13.81
CA VAL B 325 13.79 1.48 -14.60
C VAL B 325 12.93 1.54 -15.86
N THR B 326 12.42 2.72 -16.16
CA THR B 326 11.47 2.86 -17.25
C THR B 326 12.15 2.63 -18.59
N ASP B 327 11.33 2.57 -19.64
CA ASP B 327 11.82 2.15 -20.96
C ASP B 327 12.83 3.13 -21.52
N ASP B 328 12.52 4.43 -21.46
CA ASP B 328 13.42 5.45 -22.00
C ASP B 328 14.35 6.03 -20.94
N GLY B 329 14.38 5.44 -19.74
CA GLY B 329 15.41 5.75 -18.78
C GLY B 329 15.26 7.04 -18.02
N MET B 330 14.05 7.64 -17.98
CA MET B 330 13.90 8.93 -17.32
C MET B 330 13.93 8.79 -15.80
N ALA B 331 13.26 7.78 -15.26
CA ALA B 331 13.03 7.68 -13.83
C ALA B 331 13.28 6.26 -13.33
N VAL B 332 13.19 6.10 -12.01
CA VAL B 332 13.29 4.80 -11.33
C VAL B 332 12.17 4.73 -10.30
N ALA B 333 11.63 3.54 -10.10
CA ALA B 333 10.61 3.31 -9.07
C ALA B 333 11.08 2.23 -8.11
N THR B 334 10.78 2.42 -6.81
CA THR B 334 11.13 1.45 -5.78
C THR B 334 9.90 1.14 -4.93
N GLY B 335 9.75 -0.12 -4.55
CA GLY B 335 8.74 -0.55 -3.62
C GLY B 335 9.41 -1.08 -2.35
N SER B 336 8.63 -1.16 -1.27
CA SER B 336 9.21 -1.49 0.02
C SER B 336 8.15 -2.09 0.92
N TRP B 337 8.61 -2.57 2.08
CA TRP B 337 7.76 -3.24 3.05
C TRP B 337 7.05 -2.28 3.99
N ASP B 338 7.32 -0.97 3.90
CA ASP B 338 6.53 0.03 4.61
C ASP B 338 5.35 0.51 3.79
N SER B 339 5.11 -0.10 2.63
CA SER B 339 3.93 0.13 1.79
C SER B 339 3.94 1.47 1.08
N PHE B 340 5.11 1.93 0.63
CA PHE B 340 5.21 3.18 -0.11
C PHE B 340 6.03 2.98 -1.37
N LEU B 341 5.65 3.69 -2.43
CA LEU B 341 6.38 3.71 -3.70
C LEU B 341 6.97 5.10 -3.92
N LYS B 342 8.22 5.16 -4.36
CA LYS B 342 8.93 6.41 -4.57
C LYS B 342 9.48 6.45 -5.98
N ILE B 343 9.32 7.59 -6.66
CA ILE B 343 9.82 7.79 -8.01
C ILE B 343 11.00 8.75 -7.92
N TRP B 344 12.16 8.28 -8.36
CA TRP B 344 13.38 9.08 -8.35
C TRP B 344 13.66 9.63 -9.74
N ASN B 345 14.69 10.48 -9.81
CA ASN B 345 15.06 11.11 -11.07
C ASN B 345 16.46 11.72 -11.00
N LEU C 31 13.39 30.70 31.45
CA LEU C 31 13.62 29.40 30.86
C LEU C 31 12.32 28.72 30.55
N ILE C 32 11.24 29.10 31.23
CA ILE C 32 10.04 28.31 31.07
C ILE C 32 9.41 28.67 29.73
N ILE C 33 9.47 29.94 29.37
CA ILE C 33 8.90 30.35 28.10
C ILE C 33 9.61 29.63 26.98
N LEU C 34 10.94 29.66 27.01
CA LEU C 34 11.73 29.00 25.97
C LEU C 34 11.94 27.52 26.23
N ALA C 35 11.19 26.92 27.15
CA ALA C 35 11.28 25.48 27.35
C ALA C 35 10.00 24.94 26.78
N THR C 36 8.89 25.62 27.07
CA THR C 36 7.64 25.22 26.45
C THR C 36 7.80 25.30 24.94
N LEU C 37 8.41 26.37 24.44
CA LEU C 37 8.54 26.56 22.99
C LEU C 37 9.36 25.52 22.26
N VAL C 38 10.57 25.24 22.74
CA VAL C 38 11.46 24.34 22.01
C VAL C 38 11.00 22.89 21.96
N GLY C 39 10.61 22.34 23.10
CA GLY C 39 10.20 20.95 23.15
C GLY C 39 8.95 20.77 22.35
N ASN C 40 8.02 21.69 22.49
CA ASN C 40 6.75 21.56 21.80
C ASN C 40 6.86 21.62 20.29
N LEU C 41 7.66 22.55 19.77
CA LEU C 41 7.77 22.64 18.33
C LEU C 41 8.47 21.40 17.80
N ILE C 42 9.46 20.90 18.53
CA ILE C 42 10.12 19.66 18.11
C ILE C 42 9.05 18.63 17.85
N VAL C 43 8.07 18.54 18.75
CA VAL C 43 7.06 17.49 18.61
C VAL C 43 6.16 17.70 17.35
N ILE C 44 5.46 18.83 17.30
CA ILE C 44 4.57 19.14 16.17
C ILE C 44 5.17 18.83 14.81
N ILE C 45 6.40 19.30 14.60
CA ILE C 45 7.09 19.16 13.33
C ILE C 45 7.60 17.76 13.01
N SER C 46 8.32 17.17 13.96
CA SER C 46 8.91 15.84 13.78
C SER C 46 7.94 14.66 13.69
N ILE C 47 6.64 14.89 13.86
CA ILE C 47 5.67 13.80 13.79
C ILE C 47 5.04 13.89 12.43
N SER C 48 4.72 15.11 12.02
CA SER C 48 4.10 15.34 10.71
C SER C 48 5.05 15.02 9.55
N HIS C 49 6.30 15.49 9.64
CA HIS C 49 7.24 15.26 8.52
C HIS C 49 7.84 13.85 8.60
N PHE C 50 7.42 13.07 9.58
CA PHE C 50 7.80 11.65 9.56
C PHE C 50 6.64 10.79 9.07
N LYS C 51 6.84 10.10 7.95
CA LYS C 51 5.74 9.38 7.30
C LYS C 51 5.31 8.15 8.10
N GLN C 52 6.21 7.59 8.90
CA GLN C 52 5.87 6.38 9.65
C GLN C 52 4.98 6.69 10.85
N LEU C 53 5.21 7.80 11.54
CA LEU C 53 4.47 8.14 12.76
C LEU C 53 3.19 8.90 12.44
N HIS C 54 2.32 8.32 11.62
CA HIS C 54 1.02 8.93 11.38
C HIS C 54 -0.01 8.05 12.08
N THR C 55 0.43 7.30 13.09
CA THR C 55 -0.46 6.46 13.86
C THR C 55 -1.51 7.32 14.56
N PRO C 56 -2.76 6.82 14.54
CA PRO C 56 -3.91 7.50 15.08
C PRO C 56 -3.61 8.06 16.47
N THR C 57 -2.81 7.36 17.25
CA THR C 57 -2.50 7.79 18.62
C THR C 57 -1.32 8.75 18.78
N ASN C 58 -0.58 9.02 17.72
CA ASN C 58 0.58 9.93 17.84
C ASN C 58 0.14 11.31 17.31
N TRP C 59 -1.15 11.46 17.02
CA TRP C 59 -1.69 12.72 16.53
C TRP C 59 -2.26 13.50 17.71
N LEU C 60 -2.38 12.80 18.83
CA LEU C 60 -2.86 13.38 20.07
C LEU C 60 -1.67 14.01 20.78
N LEU C 61 -0.48 13.42 20.63
CA LEU C 61 0.72 13.99 21.23
C LEU C 61 1.04 15.29 20.51
N HIS C 62 0.62 15.31 19.24
CA HIS C 62 0.79 16.40 18.31
C HIS C 62 -0.10 17.60 18.64
N SER C 63 -1.41 17.40 18.67
CA SER C 63 -2.32 18.52 18.92
C SER C 63 -2.23 19.02 20.36
N MET C 64 -2.26 18.08 21.31
CA MET C 64 -2.15 18.42 22.75
C MET C 64 -0.97 19.34 22.91
N ALA C 65 0.05 19.01 22.13
CA ALA C 65 1.24 19.80 22.10
C ALA C 65 0.82 21.17 21.62
N ILE C 66 0.03 21.33 20.57
CA ILE C 66 -0.31 22.69 20.12
C ILE C 66 -1.06 23.52 21.17
N VAL C 67 -1.95 22.88 21.92
CA VAL C 67 -2.68 23.56 22.99
C VAL C 67 -1.67 24.15 23.96
N ASP C 68 -0.62 23.38 24.25
CA ASP C 68 0.47 23.84 25.18
C ASP C 68 1.63 24.79 24.62
N PHE C 69 2.02 24.55 23.36
CA PHE C 69 3.06 25.36 22.68
C PHE C 69 2.56 26.77 22.51
N LEU C 70 1.27 26.86 22.17
CA LEU C 70 0.54 28.12 22.04
C LEU C 70 0.52 28.81 23.39
N LEU C 71 0.39 28.08 24.50
CA LEU C 71 0.41 28.69 25.82
C LEU C 71 1.65 29.41 25.99
N GLY C 72 2.79 28.77 25.71
CA GLY C 72 4.00 29.56 25.89
C GLY C 72 4.08 30.77 24.96
N CYS C 73 3.77 30.51 23.70
CA CYS C 73 3.89 31.55 22.68
C CYS C 73 3.02 32.78 22.94
N LEU C 74 1.88 32.66 23.59
CA LEU C 74 1.08 33.88 23.84
C LEU C 74 1.09 34.41 25.28
N ILE C 75 0.22 33.82 26.08
CA ILE C 75 0.01 34.22 27.47
C ILE C 75 1.25 34.15 28.36
N MET C 76 2.15 33.21 28.10
CA MET C 76 3.34 33.10 28.92
C MET C 76 4.26 34.33 28.93
N PRO C 77 4.52 34.95 27.75
CA PRO C 77 5.42 36.12 27.88
C PRO C 77 5.04 37.40 28.66
N CYS C 78 3.84 37.87 28.37
CA CYS C 78 3.07 38.93 29.02
C CYS C 78 3.10 38.75 30.52
N SER C 79 2.98 37.51 30.98
CA SER C 79 3.00 37.23 32.40
C SER C 79 4.35 37.47 33.06
N MET C 80 5.41 37.32 32.28
CA MET C 80 6.74 37.67 32.75
C MET C 80 6.84 39.18 32.88
N VAL C 81 6.37 39.91 31.87
CA VAL C 81 6.40 41.36 31.93
C VAL C 81 5.70 41.82 33.21
N ARG C 82 4.48 41.32 33.43
CA ARG C 82 3.73 41.77 34.60
C ARG C 82 4.46 41.44 35.89
N THR C 83 5.09 40.28 35.93
CA THR C 83 5.80 39.82 37.12
C THR C 83 6.96 40.70 37.55
N VAL C 84 7.85 41.04 36.64
CA VAL C 84 8.98 41.88 37.00
C VAL C 84 8.52 43.20 37.60
N GLU C 85 7.34 43.70 37.20
CA GLU C 85 6.97 45.06 37.65
C GLU C 85 5.84 45.14 38.67
N ARG C 86 5.41 44.04 39.25
CA ARG C 86 4.31 44.07 40.24
C ARG C 86 3.12 44.89 39.75
N CYS C 87 3.00 45.15 38.44
CA CYS C 87 1.88 45.96 37.99
C CYS C 87 1.53 45.62 36.54
N TRP C 88 0.29 45.96 36.16
CA TRP C 88 -0.15 45.77 34.80
C TRP C 88 -0.33 47.17 34.24
N TYR C 89 0.18 47.43 33.04
CA TYR C 89 0.06 48.73 32.40
C TYR C 89 -0.19 48.61 30.91
N PHE C 90 -0.92 47.58 30.50
CA PHE C 90 -1.27 47.36 29.10
C PHE C 90 -2.70 47.80 28.77
N GLY C 91 -3.40 48.35 29.75
CA GLY C 91 -4.75 48.83 29.53
C GLY C 91 -5.87 47.90 29.97
N GLU C 92 -7.04 48.47 30.25
CA GLU C 92 -8.15 47.66 30.75
C GLU C 92 -8.61 46.60 29.75
N ILE C 93 -8.62 46.94 28.47
CA ILE C 93 -9.10 46.02 27.45
C ILE C 93 -8.23 44.76 27.39
N LEU C 94 -6.93 44.93 27.52
CA LEU C 94 -6.01 43.79 27.45
C LEU C 94 -6.27 42.78 28.55
N CYS C 95 -6.59 43.25 29.74
CA CYS C 95 -6.90 42.35 30.85
C CYS C 95 -7.97 41.32 30.49
N LYS C 96 -9.07 41.72 29.86
CA LYS C 96 -10.14 40.76 29.59
C LYS C 96 -9.64 39.69 28.61
N VAL C 97 -8.56 39.97 27.91
CA VAL C 97 -7.99 39.05 26.92
C VAL C 97 -6.96 38.15 27.57
N HIS C 98 -5.98 38.75 28.25
CA HIS C 98 -4.91 37.97 28.87
C HIS C 98 -5.56 36.96 29.79
N THR C 99 -6.41 37.42 30.69
CA THR C 99 -7.12 36.49 31.58
C THR C 99 -7.96 35.39 30.98
N SER C 100 -8.69 35.64 29.88
CA SER C 100 -9.55 34.62 29.30
C SER C 100 -8.80 33.66 28.38
N THR C 101 -7.66 34.07 27.84
CA THR C 101 -6.93 33.14 26.98
C THR C 101 -5.99 32.32 27.85
N ASP C 102 -5.54 32.91 28.96
CA ASP C 102 -4.63 32.22 29.87
C ASP C 102 -5.33 30.99 30.45
N ILE C 103 -6.58 31.17 30.83
CA ILE C 103 -7.39 30.10 31.38
C ILE C 103 -7.65 29.04 30.33
N MET C 104 -7.93 29.46 29.10
CA MET C 104 -8.19 28.51 28.03
C MET C 104 -6.97 27.65 27.70
N LEU C 105 -5.79 28.26 27.72
CA LEU C 105 -4.58 27.51 27.38
C LEU C 105 -4.08 26.67 28.54
N SER C 106 -4.90 26.55 29.58
CA SER C 106 -4.55 25.75 30.74
C SER C 106 -5.48 24.56 30.92
N SER C 107 -6.79 24.76 30.71
CA SER C 107 -7.73 23.64 30.80
C SER C 107 -7.66 22.74 29.58
N ALA C 108 -7.42 23.29 28.40
CA ALA C 108 -7.24 22.45 27.22
C ALA C 108 -5.99 21.58 27.29
N SER C 109 -4.99 22.02 28.05
CA SER C 109 -3.77 21.25 28.21
C SER C 109 -3.96 20.17 29.26
N ILE C 110 -5.07 20.22 29.98
CA ILE C 110 -5.38 19.24 31.01
C ILE C 110 -6.39 18.24 30.47
N PHE C 111 -7.11 18.63 29.42
CA PHE C 111 -8.09 17.76 28.82
C PHE C 111 -7.43 16.71 27.95
N HIS C 112 -6.23 16.94 27.47
CA HIS C 112 -5.63 15.88 26.69
C HIS C 112 -4.98 14.83 27.57
N LEU C 113 -4.55 15.21 28.77
CA LEU C 113 -3.99 14.22 29.68
C LEU C 113 -5.02 13.18 30.11
N ALA C 114 -6.28 13.58 30.21
CA ALA C 114 -7.35 12.65 30.53
C ALA C 114 -7.83 11.86 29.32
N PHE C 115 -7.34 12.19 28.12
CA PHE C 115 -7.64 11.42 26.93
C PHE C 115 -6.52 10.48 26.54
N ILE C 116 -5.28 10.80 26.91
CA ILE C 116 -4.18 9.85 26.71
C ILE C 116 -4.36 8.62 27.60
N SER C 117 -4.78 8.81 28.85
CA SER C 117 -4.93 7.68 29.77
C SER C 117 -6.05 6.75 29.33
N ILE C 118 -7.13 7.30 28.77
CA ILE C 118 -8.21 6.47 28.24
C ILE C 118 -7.70 5.61 27.10
N ASP C 119 -6.85 6.18 26.24
CA ASP C 119 -6.23 5.42 25.18
C ASP C 119 -5.36 4.29 25.70
N ARG C 120 -4.55 4.55 26.74
CA ARG C 120 -3.74 3.49 27.34
C ARG C 120 -4.57 2.40 27.99
N TYR C 121 -5.65 2.76 28.69
CA TYR C 121 -6.57 1.82 29.30
C TYR C 121 -7.29 0.96 28.28
N CYS C 122 -7.65 1.50 27.13
CA CYS C 122 -8.31 0.68 26.14
C CYS C 122 -7.33 -0.27 25.49
N ALA C 123 -6.04 0.05 25.56
CA ALA C 123 -5.05 -0.82 24.95
C ALA C 123 -4.69 -1.98 25.88
N VAL C 124 -4.41 -1.70 27.14
CA VAL C 124 -3.91 -2.73 28.06
C VAL C 124 -5.05 -3.40 28.83
N CYS C 125 -6.30 -3.17 28.44
CA CYS C 125 -7.42 -3.86 29.06
C CYS C 125 -8.40 -4.48 28.08
N ASP C 126 -8.39 -4.09 26.82
CA ASP C 126 -9.19 -4.72 25.78
C ASP C 126 -8.27 -4.99 24.59
N PRO C 127 -7.29 -5.89 24.74
CA PRO C 127 -6.20 -5.95 23.76
C PRO C 127 -6.63 -6.37 22.37
N LEU C 128 -7.64 -7.22 22.23
CA LEU C 128 -8.04 -7.72 20.93
C LEU C 128 -8.91 -6.73 20.15
N ARG C 129 -9.24 -5.58 20.76
CA ARG C 129 -10.13 -4.61 20.13
C ARG C 129 -9.50 -3.22 20.08
N TYR C 130 -8.19 -3.11 20.30
CA TYR C 130 -7.58 -1.79 20.44
C TYR C 130 -7.57 -1.02 19.13
N LYS C 131 -7.24 -1.68 18.02
CA LYS C 131 -7.11 -1.00 16.74
C LYS C 131 -8.44 -0.77 16.03
N ALA C 132 -9.50 -1.46 16.44
CA ALA C 132 -10.82 -1.31 15.86
C ALA C 132 -11.72 -0.42 16.72
N LYS C 133 -11.13 0.05 17.80
CA LYS C 133 -11.80 0.86 18.80
C LYS C 133 -11.11 2.20 18.93
N ILE C 134 -9.82 2.24 18.64
CA ILE C 134 -9.07 3.48 18.74
C ILE C 134 -8.30 3.74 17.44
N ASN C 135 -9.09 4.02 16.41
CA ASN C 135 -8.62 4.33 15.07
C ASN C 135 -8.50 5.85 14.94
N ILE C 136 -8.19 6.31 13.74
CA ILE C 136 -8.04 7.74 13.48
C ILE C 136 -9.32 8.54 13.73
N SER C 137 -10.48 7.97 13.42
CA SER C 137 -11.75 8.67 13.62
C SER C 137 -12.04 9.05 15.07
N THR C 138 -11.79 8.13 16.00
CA THR C 138 -12.00 8.40 17.43
C THR C 138 -11.09 9.49 17.96
N ILE C 139 -9.84 9.49 17.51
CA ILE C 139 -8.88 10.49 17.94
C ILE C 139 -9.31 11.90 17.52
N LEU C 140 -9.85 12.00 16.31
CA LEU C 140 -10.28 13.27 15.76
C LEU C 140 -11.20 14.08 16.69
N VAL C 141 -12.17 13.43 17.32
CA VAL C 141 -13.08 14.14 18.21
C VAL C 141 -12.46 14.39 19.59
N MET C 142 -11.45 13.61 19.98
CA MET C 142 -10.71 13.89 21.21
C MET C 142 -9.96 15.20 21.14
N ILE C 143 -9.72 15.72 19.94
CA ILE C 143 -9.12 17.04 19.79
C ILE C 143 -10.19 18.12 19.72
N LEU C 144 -11.32 17.83 19.07
CA LEU C 144 -12.41 18.80 18.99
C LEU C 144 -13.01 19.11 20.35
N VAL C 145 -13.34 18.07 21.13
CA VAL C 145 -14.02 18.26 22.42
C VAL C 145 -13.02 18.76 23.45
N SER C 146 -11.73 18.63 23.18
CA SER C 146 -10.70 19.09 24.11
C SER C 146 -10.29 20.52 23.83
N TRP C 147 -10.57 21.05 22.64
CA TRP C 147 -10.22 22.45 22.30
C TRP C 147 -11.42 23.37 22.40
N SER C 148 -12.58 22.91 21.96
CA SER C 148 -13.75 23.76 21.88
C SER C 148 -14.49 23.97 23.21
N LEU C 149 -14.58 22.94 24.03
CA LEU C 149 -15.29 23.07 25.30
C LEU C 149 -14.66 24.12 26.22
N PRO C 150 -13.33 24.17 26.41
CA PRO C 150 -12.75 25.31 27.13
C PRO C 150 -13.01 26.64 26.45
N ALA C 151 -13.05 26.68 25.12
CA ALA C 151 -13.35 27.91 24.40
C ALA C 151 -14.78 28.40 24.64
N VAL C 152 -15.68 27.52 25.08
CA VAL C 152 -17.01 27.93 25.48
C VAL C 152 -17.08 28.25 26.98
N TYR C 153 -16.34 27.52 27.82
CA TYR C 153 -16.40 27.71 29.26
C TYR C 153 -15.62 28.91 29.76
N ALA C 154 -14.51 29.27 29.14
CA ALA C 154 -13.66 30.34 29.65
C ALA C 154 -14.00 31.72 29.10
N PHE C 155 -14.46 31.80 27.85
CA PHE C 155 -14.84 33.07 27.25
C PHE C 155 -16.25 33.50 27.60
N GLY C 156 -17.05 32.62 28.20
CA GLY C 156 -18.39 32.96 28.62
C GLY C 156 -18.44 33.29 30.11
N MET C 157 -17.28 33.57 30.68
CA MET C 157 -17.18 33.87 32.11
C MET C 157 -16.49 35.22 32.33
N ILE C 158 -15.56 35.57 31.44
CA ILE C 158 -14.83 36.82 31.59
C ILE C 158 -15.53 37.98 30.87
N PHE C 159 -16.35 37.69 29.86
CA PHE C 159 -17.04 38.74 29.12
C PHE C 159 -18.54 38.80 29.40
N LEU C 160 -19.11 37.72 29.89
CA LEU C 160 -20.52 37.74 30.26
C LEU C 160 -20.65 38.01 31.76
N GLU C 161 -19.52 38.13 32.47
CA GLU C 161 -19.44 38.54 33.86
C GLU C 161 -20.18 37.58 34.80
N LEU C 162 -20.00 36.28 34.56
CA LEU C 162 -20.31 35.27 35.56
C LEU C 162 -19.11 34.92 36.42
N ASN C 163 -17.98 35.61 36.21
CA ASN C 163 -16.76 35.36 36.96
C ASN C 163 -16.91 35.71 38.44
N LEU C 164 -17.64 36.78 38.75
CA LEU C 164 -17.86 37.16 40.15
C LEU C 164 -19.24 37.78 40.26
N LYS C 165 -19.96 37.39 41.30
CA LYS C 165 -21.30 37.87 41.58
C LYS C 165 -21.41 38.04 43.09
N GLY C 166 -21.91 39.18 43.54
CA GLY C 166 -22.02 39.45 44.96
C GLY C 166 -20.74 39.95 45.60
N VAL C 167 -19.64 39.98 44.86
CA VAL C 167 -18.36 40.44 45.39
C VAL C 167 -17.82 41.46 44.39
N GLU C 168 -18.69 41.97 43.52
CA GLU C 168 -18.24 42.89 42.48
C GLU C 168 -17.46 44.10 42.99
N GLU C 169 -17.50 44.36 44.27
CA GLU C 169 -16.80 45.52 44.74
C GLU C 169 -15.43 45.19 45.32
N LEU C 170 -15.20 43.95 45.72
CA LEU C 170 -13.87 43.59 46.24
C LEU C 170 -12.81 43.38 45.17
N TYR C 171 -13.21 43.07 43.95
CA TYR C 171 -12.26 42.93 42.85
C TYR C 171 -11.61 44.28 42.64
N ARG C 172 -12.43 45.32 42.59
CA ARG C 172 -11.92 46.67 42.36
C ARG C 172 -11.44 47.37 43.61
N SER C 173 -11.24 46.61 44.68
CA SER C 173 -10.81 47.19 45.94
C SER C 173 -9.55 46.48 46.36
N GLN C 174 -9.33 45.27 45.85
CA GLN C 174 -8.15 44.51 46.23
C GLN C 174 -7.18 44.41 45.08
N VAL C 175 -7.71 44.21 43.88
CA VAL C 175 -6.85 44.07 42.71
C VAL C 175 -6.90 45.32 41.84
N SER C 176 -8.10 45.82 41.58
CA SER C 176 -8.20 46.97 40.70
C SER C 176 -7.95 48.24 41.46
N ASP C 177 -7.93 48.18 42.79
CA ASP C 177 -7.62 49.35 43.46
C ASP C 177 -6.18 49.61 43.11
N LEU C 178 -5.47 48.65 42.56
CA LEU C 178 -4.03 48.84 42.32
C LEU C 178 -3.52 48.32 40.99
N GLY C 179 -4.20 48.61 39.89
CA GLY C 179 -3.66 48.20 38.60
C GLY C 179 -3.30 46.73 38.51
N GLY C 180 -4.28 45.85 38.72
CA GLY C 180 -4.03 44.43 38.63
C GLY C 180 -4.97 43.71 37.68
N CYS C 181 -4.72 42.43 37.41
CA CYS C 181 -5.53 41.65 36.47
C CYS C 181 -5.68 40.23 36.99
N SER C 182 -5.23 40.01 38.22
CA SER C 182 -5.28 38.67 38.83
C SER C 182 -6.70 38.10 38.88
N PRO C 183 -6.93 36.88 38.33
CA PRO C 183 -8.28 36.31 38.47
C PRO C 183 -8.93 36.34 39.85
N PHE C 184 -10.24 36.42 39.86
CA PHE C 184 -11.02 36.50 41.09
C PHE C 184 -12.19 35.53 41.03
N PHE C 185 -12.38 34.79 42.12
CA PHE C 185 -13.41 33.75 42.18
C PHE C 185 -14.08 33.80 43.55
N SER C 186 -15.38 34.10 43.58
CA SER C 186 -16.03 34.23 44.89
C SER C 186 -16.57 32.93 45.47
N LYS C 187 -17.68 32.43 44.94
CA LYS C 187 -18.25 31.19 45.46
C LYS C 187 -18.54 30.17 44.36
N VAL C 188 -19.32 30.60 43.36
CA VAL C 188 -19.76 29.66 42.33
C VAL C 188 -18.68 29.48 41.28
N SER C 189 -17.96 30.55 40.95
CA SER C 189 -16.75 30.44 40.14
C SER C 189 -15.60 29.83 40.91
N GLY C 190 -15.74 29.62 42.22
CA GLY C 190 -14.76 28.90 43.00
C GLY C 190 -15.15 27.46 43.23
N VAL C 191 -16.41 27.12 42.95
CA VAL C 191 -16.84 25.72 43.04
C VAL C 191 -16.91 25.04 41.68
N LEU C 192 -17.47 25.68 40.66
CA LEU C 192 -17.56 25.09 39.34
C LEU C 192 -16.23 25.06 38.61
N ALA C 193 -15.28 25.92 38.99
CA ALA C 193 -13.95 25.92 38.38
C ALA C 193 -13.01 24.92 39.03
N PHE C 194 -13.44 24.28 40.11
CA PHE C 194 -12.70 23.16 40.70
C PHE C 194 -13.09 21.83 40.07
N MET C 195 -14.34 21.69 39.65
CA MET C 195 -14.76 20.60 38.79
C MET C 195 -14.39 20.91 37.35
N THR C 196 -14.34 19.86 36.52
CA THR C 196 -14.25 19.97 35.06
C THR C 196 -12.92 20.55 34.63
N SER C 197 -12.07 20.94 35.59
CA SER C 197 -10.76 21.50 35.28
C SER C 197 -9.64 20.81 36.06
N PHE C 198 -9.94 20.31 37.27
CA PHE C 198 -8.95 19.57 38.03
C PHE C 198 -9.52 18.25 38.54
N TYR C 199 -10.79 18.23 38.92
CA TYR C 199 -11.35 17.07 39.59
C TYR C 199 -11.88 16.03 38.61
N ILE C 200 -12.75 16.44 37.70
CA ILE C 200 -13.33 15.52 36.72
C ILE C 200 -12.25 14.90 35.83
N PRO C 201 -11.30 15.66 35.29
CA PRO C 201 -10.20 15.02 34.55
C PRO C 201 -9.02 14.59 35.40
N GLY C 202 -9.13 14.65 36.72
CA GLY C 202 -8.06 14.20 37.60
C GLY C 202 -8.42 12.91 38.30
N SER C 203 -9.72 12.61 38.36
CA SER C 203 -10.20 11.38 38.96
C SER C 203 -10.26 10.28 37.90
N VAL C 204 -10.08 10.65 36.64
CA VAL C 204 -10.10 9.69 35.56
C VAL C 204 -8.68 9.16 35.37
N MET C 205 -7.70 10.06 35.47
CA MET C 205 -6.30 9.71 35.38
C MET C 205 -5.84 8.80 36.52
N LEU C 206 -6.54 8.82 37.65
CA LEU C 206 -6.18 7.99 38.80
C LEU C 206 -6.85 6.62 38.77
N PHE C 207 -8.15 6.56 38.49
CA PHE C 207 -8.87 5.31 38.40
C PHE C 207 -8.34 4.40 37.30
N VAL C 208 -7.75 4.95 36.25
CA VAL C 208 -7.18 4.14 35.19
C VAL C 208 -5.79 3.62 35.54
N TYR C 209 -4.93 4.47 36.05
CA TYR C 209 -3.57 4.09 36.38
C TYR C 209 -3.49 3.29 37.67
N TYR C 210 -4.57 3.24 38.44
CA TYR C 210 -4.64 2.31 39.56
C TYR C 210 -4.94 0.88 39.08
N ARG C 211 -5.77 0.74 38.05
CA ARG C 211 -6.07 -0.57 37.49
C ARG C 211 -4.97 -1.07 36.56
N ILE C 212 -4.17 -0.17 36.00
CA ILE C 212 -3.09 -0.59 35.10
C ILE C 212 -1.84 -0.84 35.94
N TYR C 213 -2.01 -0.97 37.25
CA TYR C 213 -0.92 -1.35 38.14
C TYR C 213 -1.02 -2.80 38.60
N PHE C 214 -2.20 -3.22 39.05
CA PHE C 214 -2.40 -4.60 39.46
C PHE C 214 -2.16 -5.51 38.25
N ILE C 215 -2.79 -5.19 37.12
CA ILE C 215 -2.60 -5.99 35.92
C ILE C 215 -1.13 -6.06 35.50
N ALA C 216 -0.42 -4.93 35.49
CA ALA C 216 0.97 -4.90 35.10
C ALA C 216 1.88 -5.61 36.09
N LYS C 217 1.42 -5.87 37.32
CA LYS C 217 2.17 -6.69 38.26
C LYS C 217 1.82 -8.17 38.20
N GLY C 218 0.53 -8.51 38.07
CA GLY C 218 0.14 -9.91 38.00
C GLY C 218 0.68 -10.63 36.78
N GLN C 219 0.63 -9.98 35.61
CA GLN C 219 1.24 -10.55 34.41
C GLN C 219 2.74 -10.73 34.56
N ALA C 220 3.43 -9.74 35.14
CA ALA C 220 4.87 -9.83 35.34
C ALA C 220 5.26 -10.92 36.32
N ARG C 221 4.39 -11.26 37.26
CA ARG C 221 4.68 -12.35 38.16
C ARG C 221 4.36 -13.70 37.52
N SER C 222 3.26 -13.77 36.78
CA SER C 222 2.94 -15.02 36.09
C SER C 222 4.00 -15.38 35.04
N ILE C 223 4.53 -14.38 34.34
CA ILE C 223 5.60 -14.64 33.37
C ILE C 223 6.84 -15.23 34.02
N THR C 244 6.47 -3.91 39.33
CA THR C 244 7.68 -3.14 39.59
C THR C 244 7.87 -2.06 38.54
N LYS C 245 8.08 -2.49 37.30
CA LYS C 245 8.29 -1.55 36.20
C LYS C 245 7.06 -0.69 36.01
N ALA C 246 5.88 -1.30 36.09
CA ALA C 246 4.64 -0.57 35.92
C ALA C 246 4.51 0.47 37.01
N ALA C 247 4.83 0.10 38.24
CA ALA C 247 4.73 1.05 39.33
C ALA C 247 5.67 2.22 39.07
N LYS C 248 6.89 1.94 38.66
CA LYS C 248 7.82 3.02 38.41
C LYS C 248 7.34 3.94 37.29
N THR C 249 6.78 3.36 36.23
CA THR C 249 6.27 4.14 35.11
C THR C 249 5.08 5.02 35.50
N LEU C 250 4.21 4.47 36.34
CA LEU C 250 3.01 5.19 36.76
C LEU C 250 3.33 6.15 37.88
N GLY C 251 4.55 6.05 38.41
CA GLY C 251 4.95 6.94 39.49
C GLY C 251 5.27 8.33 38.97
N ILE C 252 5.91 8.42 37.81
CA ILE C 252 6.26 9.69 37.21
C ILE C 252 5.13 10.31 36.37
N MET C 253 4.14 9.51 35.99
CA MET C 253 3.05 10.04 35.20
C MET C 253 1.83 10.41 36.03
N VAL C 254 1.89 10.28 37.35
CA VAL C 254 0.81 10.72 38.22
C VAL C 254 1.23 11.78 39.22
N GLY C 255 2.48 11.79 39.68
CA GLY C 255 2.93 12.82 40.61
C GLY C 255 3.18 14.15 39.93
N VAL C 256 3.77 14.10 38.74
CA VAL C 256 4.12 15.33 38.04
C VAL C 256 2.91 16.22 37.90
N PHE C 257 1.84 15.66 37.35
CA PHE C 257 0.64 16.43 37.15
C PHE C 257 0.12 16.96 38.48
N LEU C 258 0.09 16.13 39.51
CA LEU C 258 -0.41 16.61 40.78
C LEU C 258 0.44 17.73 41.35
N VAL C 259 1.75 17.55 41.44
CA VAL C 259 2.62 18.63 41.92
C VAL C 259 2.43 19.92 41.14
N CYS C 260 2.38 19.83 39.82
CA CYS C 260 2.23 21.00 38.98
C CYS C 260 0.90 21.72 39.15
N TRP C 261 -0.17 20.95 39.34
CA TRP C 261 -1.49 21.58 39.41
C TRP C 261 -2.24 21.64 40.72
N CYS C 262 -1.78 21.09 41.83
CA CYS C 262 -2.62 21.22 43.04
C CYS C 262 -2.46 22.62 43.73
N PRO C 263 -1.21 23.14 43.94
CA PRO C 263 -0.98 24.46 44.53
C PRO C 263 -1.93 25.55 44.05
N PHE C 264 -2.28 25.55 42.76
CA PHE C 264 -3.14 26.58 42.20
C PHE C 264 -4.62 26.26 42.37
N PHE C 265 -4.99 25.02 42.12
CA PHE C 265 -6.45 24.76 42.11
C PHE C 265 -6.93 24.41 43.48
N LEU C 266 -6.07 24.46 44.46
CA LEU C 266 -6.52 24.27 45.83
C LEU C 266 -6.48 25.57 46.61
N CYS C 267 -5.30 26.20 46.70
CA CYS C 267 -5.16 27.39 47.51
C CYS C 267 -5.91 28.57 46.90
N THR C 268 -5.71 28.81 45.60
CA THR C 268 -6.30 29.99 44.97
C THR C 268 -7.81 29.91 44.85
N VAL C 269 -8.38 28.71 45.04
CA VAL C 269 -9.80 28.53 44.78
C VAL C 269 -10.49 28.12 46.07
N LEU C 270 -9.77 28.05 47.18
CA LEU C 270 -10.42 27.80 48.49
C LEU C 270 -10.22 29.08 49.29
N ASP C 271 -9.40 29.99 48.76
CA ASP C 271 -9.07 31.25 49.43
C ASP C 271 -10.30 32.07 49.83
N PRO C 272 -11.33 32.20 48.98
CA PRO C 272 -12.48 33.03 49.38
C PRO C 272 -13.15 32.59 50.68
N PHE C 273 -13.20 31.28 50.95
CA PHE C 273 -13.81 30.80 52.18
C PHE C 273 -13.06 31.26 53.42
N LEU C 274 -11.79 31.49 53.33
CA LEU C 274 -11.09 31.94 54.49
C LEU C 274 -11.24 33.44 54.72
N GLY C 275 -11.55 34.17 53.67
CA GLY C 275 -11.60 35.62 53.75
C GLY C 275 -10.47 36.28 52.99
N TYR C 276 -10.00 35.61 51.93
CA TYR C 276 -8.90 36.10 51.10
C TYR C 276 -7.67 36.42 51.95
N VAL C 277 -7.23 35.42 52.71
CA VAL C 277 -6.06 35.58 53.56
C VAL C 277 -4.78 35.53 52.73
N ILE C 278 -4.93 34.96 51.54
CA ILE C 278 -3.80 34.81 50.65
C ILE C 278 -3.44 36.13 49.89
N PRO C 279 -2.19 36.65 50.06
CA PRO C 279 -1.77 37.89 49.44
C PRO C 279 -1.27 37.72 48.01
N PRO C 280 -0.83 38.82 47.39
CA PRO C 280 -0.31 38.79 46.02
C PRO C 280 0.97 37.97 45.95
N SER C 281 1.79 38.09 46.99
CA SER C 281 3.05 37.37 47.07
C SER C 281 2.87 35.88 46.83
N LEU C 282 1.88 35.30 47.48
CA LEU C 282 1.66 33.89 47.30
C LEU C 282 1.17 33.60 45.89
N ASN C 283 0.15 34.33 45.39
CA ASN C 283 -0.60 34.07 44.10
C ASN C 283 0.14 34.02 42.76
N ASP C 284 1.35 34.49 42.66
CA ASP C 284 2.23 34.30 41.48
C ASP C 284 3.04 33.00 41.49
N ALA C 285 3.52 32.63 42.67
CA ALA C 285 4.29 31.40 42.81
C ALA C 285 3.39 30.23 42.43
N LEU C 286 2.15 30.24 42.91
CA LEU C 286 1.18 29.20 42.58
C LEU C 286 0.90 29.19 41.09
N TYR C 287 0.81 30.37 40.49
CA TYR C 287 0.58 30.51 39.06
C TYR C 287 1.69 29.84 38.23
N TRP C 288 2.96 29.97 38.64
CA TRP C 288 4.03 29.35 37.83
C TRP C 288 4.39 27.86 38.09
N PHE C 289 3.31 27.09 38.12
CA PHE C 289 3.42 25.64 38.25
C PHE C 289 2.90 25.14 36.93
N GLY C 290 1.63 25.46 36.68
CA GLY C 290 1.02 24.94 35.49
C GLY C 290 1.81 25.26 34.28
N TYR C 291 2.56 26.37 34.34
CA TYR C 291 3.34 26.76 33.18
C TYR C 291 4.50 25.79 33.03
N LEU C 292 4.85 25.26 34.24
CA LEU C 292 5.89 24.25 34.23
C LEU C 292 5.38 22.93 33.65
N ASN C 293 4.11 22.62 33.87
CA ASN C 293 3.57 21.40 33.29
C ASN C 293 3.68 21.50 31.78
N SER C 294 3.30 22.63 31.23
CA SER C 294 3.35 22.82 29.79
C SER C 294 4.78 22.69 29.30
N ALA C 295 5.75 23.10 30.12
CA ALA C 295 7.14 23.01 29.72
C ALA C 295 7.62 21.57 29.66
N LEU C 296 7.38 20.79 30.71
CA LEU C 296 7.97 19.44 30.78
C LEU C 296 7.22 18.24 30.25
N ASN C 297 6.11 18.47 29.58
CA ASN C 297 5.29 17.35 29.11
C ASN C 297 5.94 16.79 27.79
N PRO C 298 6.49 17.64 26.82
CA PRO C 298 7.21 17.02 25.69
C PRO C 298 8.18 15.95 26.18
N MET C 299 8.83 16.22 27.29
CA MET C 299 9.81 15.31 27.87
C MET C 299 9.26 13.95 28.28
N VAL C 300 8.04 13.91 28.80
CA VAL C 300 7.44 12.65 29.25
C VAL C 300 6.66 11.82 28.21
N TYR C 301 5.49 12.32 27.82
CA TYR C 301 4.61 11.63 26.89
C TYR C 301 5.17 11.55 25.47
N ALA C 302 6.31 12.20 25.20
CA ALA C 302 6.90 12.14 23.87
C ALA C 302 8.26 11.47 23.93
N PHE C 303 9.09 12.00 24.79
CA PHE C 303 10.37 11.45 24.98
C PHE C 303 10.24 10.42 26.08
N PHE C 304 11.42 10.15 26.63
CA PHE C 304 11.55 9.17 27.68
C PHE C 304 10.92 7.91 27.15
N TYR C 305 10.65 7.88 25.85
CA TYR C 305 10.04 6.69 25.25
C TYR C 305 10.84 6.10 24.09
N PRO C 306 11.09 4.79 24.12
CA PRO C 306 11.87 4.02 23.14
C PRO C 306 11.62 4.27 21.64
N TRP C 307 10.36 4.32 21.18
CA TRP C 307 10.07 4.48 19.77
C TRP C 307 10.11 5.92 19.28
N PHE C 308 9.91 6.88 20.17
CA PHE C 308 9.90 8.29 19.81
C PHE C 308 11.25 8.75 19.27
N ARG C 309 12.33 8.30 19.91
CA ARG C 309 13.67 8.67 19.50
C ARG C 309 13.90 8.39 18.01
N VAL D 39 -23.46 -4.26 -23.84
CA VAL D 39 -23.62 -2.83 -23.60
C VAL D 39 -24.76 -2.30 -24.46
N GLN D 40 -25.93 -2.13 -23.86
CA GLN D 40 -27.09 -1.62 -24.59
C GLN D 40 -27.96 -0.81 -23.65
N LEU D 41 -28.56 0.25 -24.18
CA LEU D 41 -29.34 1.20 -23.39
C LEU D 41 -30.72 1.39 -24.02
N VAL D 42 -31.73 1.51 -23.16
CA VAL D 42 -33.11 1.75 -23.60
C VAL D 42 -33.66 2.94 -22.82
N GLU D 43 -34.14 3.95 -23.54
CA GLU D 43 -34.63 5.17 -22.95
C GLU D 43 -36.14 5.11 -22.72
N SER D 44 -36.66 6.19 -22.13
CA SER D 44 -38.09 6.32 -21.90
C SER D 44 -38.42 7.80 -21.74
N GLY D 45 -39.71 8.12 -21.90
CA GLY D 45 -40.16 9.49 -21.77
C GLY D 45 -40.67 10.07 -23.08
N GLY D 46 -40.24 11.30 -23.40
CA GLY D 46 -40.63 11.90 -24.65
C GLY D 46 -42.10 12.29 -24.67
N GLY D 47 -42.67 12.28 -25.87
CA GLY D 47 -44.06 12.65 -26.07
C GLY D 47 -44.21 14.13 -26.40
N LEU D 48 -45.48 14.54 -26.53
CA LEU D 48 -45.83 15.92 -26.82
C LEU D 48 -46.48 16.52 -25.58
N VAL D 49 -45.91 17.61 -25.09
CA VAL D 49 -46.32 18.25 -23.84
C VAL D 49 -46.75 19.68 -24.14
N GLN D 50 -47.89 20.08 -23.59
CA GLN D 50 -48.35 21.44 -23.76
C GLN D 50 -47.40 22.42 -23.07
N PRO D 51 -47.34 23.67 -23.55
CA PRO D 51 -46.41 24.63 -22.94
C PRO D 51 -46.69 24.82 -21.46
N GLY D 52 -45.62 25.00 -20.69
CA GLY D 52 -45.70 25.14 -19.26
C GLY D 52 -45.76 23.84 -18.48
N GLY D 53 -45.50 22.71 -19.14
CA GLY D 53 -45.62 21.41 -18.51
C GLY D 53 -44.37 21.00 -17.75
N SER D 54 -44.38 19.74 -17.29
CA SER D 54 -43.30 19.18 -16.50
C SER D 54 -43.11 17.71 -16.85
N ARG D 55 -41.92 17.37 -17.36
CA ARG D 55 -41.62 16.01 -17.76
C ARG D 55 -40.29 15.56 -17.16
N LYS D 56 -40.21 14.27 -16.83
CA LYS D 56 -39.03 13.65 -16.26
C LYS D 56 -38.47 12.67 -17.28
N LEU D 57 -37.50 13.14 -18.06
CA LEU D 57 -36.87 12.31 -19.08
C LEU D 57 -35.79 11.43 -18.46
N SER D 58 -35.61 10.25 -19.04
CA SER D 58 -34.73 9.25 -18.44
C SER D 58 -34.01 8.46 -19.52
N CYS D 59 -32.81 7.99 -19.18
CA CYS D 59 -32.05 7.04 -19.97
C CYS D 59 -31.57 5.92 -19.05
N SER D 60 -31.90 4.69 -19.40
CA SER D 60 -31.70 3.54 -18.52
C SER D 60 -30.56 2.67 -19.06
N ALA D 61 -29.57 2.42 -18.22
CA ALA D 61 -28.42 1.61 -18.59
C ALA D 61 -28.64 0.15 -18.27
N SER D 62 -27.88 -0.71 -18.96
CA SER D 62 -27.89 -2.14 -18.69
C SER D 62 -26.73 -2.78 -19.44
N GLY D 63 -26.05 -3.72 -18.79
CA GLY D 63 -25.02 -4.50 -19.43
C GLY D 63 -23.59 -4.07 -19.18
N PHE D 64 -23.36 -3.13 -18.27
CA PHE D 64 -22.02 -2.66 -17.98
C PHE D 64 -21.97 -2.06 -16.58
N ALA D 65 -20.81 -1.51 -16.24
CA ALA D 65 -20.57 -0.92 -14.92
C ALA D 65 -20.99 0.55 -14.94
N PHE D 66 -22.32 0.77 -14.95
CA PHE D 66 -22.86 2.12 -15.09
C PHE D 66 -22.41 3.04 -13.98
N SER D 67 -22.04 2.49 -12.82
CA SER D 67 -21.62 3.30 -11.68
C SER D 67 -20.18 3.76 -11.79
N SER D 68 -19.56 3.69 -12.97
CA SER D 68 -18.20 4.17 -13.16
C SER D 68 -18.03 5.07 -14.37
N PHE D 69 -19.11 5.50 -15.02
CA PHE D 69 -19.04 6.37 -16.18
C PHE D 69 -19.75 7.69 -15.87
N GLY D 70 -19.20 8.79 -16.38
CA GLY D 70 -19.92 10.05 -16.35
C GLY D 70 -20.95 10.14 -17.45
N MET D 71 -22.13 10.65 -17.10
CA MET D 71 -23.28 10.66 -18.00
C MET D 71 -23.53 12.08 -18.50
N HIS D 72 -23.83 12.18 -19.80
CA HIS D 72 -24.19 13.44 -20.43
C HIS D 72 -25.58 13.35 -21.04
N TRP D 73 -26.01 14.48 -21.59
CA TRP D 73 -27.27 14.55 -22.31
C TRP D 73 -26.91 15.55 -23.41
N VAL D 74 -27.22 15.26 -24.68
CA VAL D 74 -26.87 16.12 -25.81
C VAL D 74 -28.10 16.30 -26.69
N ARG D 75 -28.48 17.53 -26.99
CA ARG D 75 -29.65 17.82 -27.81
C ARG D 75 -29.33 17.92 -29.29
N GLN D 76 -30.20 17.40 -30.15
CA GLN D 76 -29.98 17.45 -31.60
C GLN D 76 -31.11 18.25 -32.21
N ALA D 77 -30.79 19.37 -32.85
CA ALA D 77 -31.85 20.11 -33.49
C ALA D 77 -32.28 19.39 -34.79
N PRO D 78 -33.60 19.20 -35.04
CA PRO D 78 -33.96 18.44 -36.25
C PRO D 78 -33.37 18.98 -37.53
N GLU D 79 -33.22 20.30 -37.66
CA GLU D 79 -32.68 20.92 -38.86
C GLU D 79 -31.31 21.55 -38.63
N LYS D 80 -30.70 21.29 -37.48
CA LYS D 80 -29.39 21.84 -37.14
C LYS D 80 -28.51 20.73 -36.59
N GLY D 81 -27.38 21.12 -36.02
CA GLY D 81 -26.44 20.18 -35.44
C GLY D 81 -26.83 19.77 -34.03
N LEU D 82 -25.83 19.33 -33.28
CA LEU D 82 -26.04 18.89 -31.91
C LEU D 82 -25.72 20.01 -30.93
N GLU D 83 -26.15 19.84 -29.68
CA GLU D 83 -25.81 20.79 -28.62
C GLU D 83 -25.90 20.07 -27.28
N TRP D 84 -24.95 20.37 -26.40
CA TRP D 84 -24.86 19.73 -25.08
C TRP D 84 -25.67 20.48 -24.03
N VAL D 85 -26.23 19.78 -23.06
CA VAL D 85 -27.12 20.42 -22.09
C VAL D 85 -26.65 20.30 -20.64
N ALA D 86 -26.07 19.17 -20.25
CA ALA D 86 -25.66 19.02 -18.85
C ALA D 86 -24.60 17.92 -18.74
N TYR D 87 -24.18 17.63 -17.50
CA TYR D 87 -23.16 16.60 -17.27
C TYR D 87 -23.19 16.12 -15.81
N ILE D 88 -23.33 14.82 -15.58
CA ILE D 88 -23.27 14.30 -14.22
C ILE D 88 -22.08 13.33 -14.05
N SER D 89 -21.27 13.51 -13.01
CA SER D 89 -20.08 12.69 -12.81
C SER D 89 -20.34 11.34 -12.15
N SER D 90 -19.39 10.40 -12.22
CA SER D 90 -19.67 9.07 -11.68
C SER D 90 -19.92 9.11 -10.18
N GLY D 91 -19.16 9.92 -9.45
CA GLY D 91 -19.27 10.02 -8.01
C GLY D 91 -20.28 11.02 -7.49
N SER D 92 -21.07 11.65 -8.36
CA SER D 92 -22.09 12.62 -7.97
C SER D 92 -21.51 13.79 -7.21
N GLY D 93 -20.29 14.20 -7.56
CA GLY D 93 -19.64 15.31 -6.89
C GLY D 93 -19.60 16.58 -7.71
N THR D 94 -19.57 16.43 -9.03
CA THR D 94 -19.45 17.55 -9.95
C THR D 94 -20.64 17.57 -10.89
N ILE D 95 -21.17 18.77 -11.14
CA ILE D 95 -22.34 18.94 -12.00
C ILE D 95 -22.18 20.25 -12.77
N TYR D 96 -22.36 20.21 -14.08
CA TYR D 96 -22.41 21.39 -14.92
C TYR D 96 -23.75 21.44 -15.66
N TYR D 97 -24.08 22.62 -16.17
CA TYR D 97 -25.36 22.84 -16.84
C TYR D 97 -25.16 23.69 -18.08
N ALA D 98 -26.11 23.57 -19.01
CA ALA D 98 -26.10 24.41 -20.19
C ALA D 98 -26.30 25.87 -19.82
N ASP D 99 -25.59 26.75 -20.49
CA ASP D 99 -25.73 28.18 -20.20
C ASP D 99 -27.09 28.71 -20.65
N THR D 100 -27.70 28.08 -21.65
CA THR D 100 -29.01 28.51 -22.11
C THR D 100 -30.08 28.20 -21.06
N VAL D 101 -30.10 26.98 -20.56
CA VAL D 101 -31.05 26.56 -19.53
C VAL D 101 -30.27 26.01 -18.35
N LYS D 102 -30.45 26.61 -17.18
CA LYS D 102 -29.70 26.18 -16.01
C LYS D 102 -30.62 25.76 -14.89
N GLY D 103 -31.34 26.72 -14.31
CA GLY D 103 -32.19 26.42 -13.18
C GLY D 103 -33.34 25.45 -13.40
N ARG D 104 -34.04 25.58 -14.53
CA ARG D 104 -35.21 24.73 -14.78
C ARG D 104 -34.87 23.27 -14.84
N PHE D 105 -33.90 22.92 -15.67
CA PHE D 105 -33.53 21.51 -15.85
C PHE D 105 -32.86 20.94 -14.60
N THR D 106 -33.14 19.67 -14.28
CA THR D 106 -32.46 19.02 -13.16
C THR D 106 -31.94 17.63 -13.52
N ILE D 107 -30.84 17.19 -12.89
CA ILE D 107 -30.30 15.86 -13.15
C ILE D 107 -30.23 14.97 -11.92
N SER D 108 -30.36 13.65 -12.11
CA SER D 108 -30.25 12.71 -11.00
C SER D 108 -29.89 11.31 -11.49
N ARG D 109 -29.11 10.56 -10.72
CA ARG D 109 -28.72 9.21 -11.10
C ARG D 109 -29.06 8.26 -9.97
N ASP D 110 -29.26 6.99 -10.32
CA ASP D 110 -29.65 5.96 -9.37
C ASP D 110 -28.77 4.73 -9.58
N ASP D 111 -27.66 4.67 -8.87
CA ASP D 111 -26.73 3.54 -8.93
C ASP D 111 -27.37 2.19 -8.57
N PRO D 112 -28.20 2.10 -7.53
CA PRO D 112 -28.76 0.78 -7.17
C PRO D 112 -29.62 0.16 -8.25
N LYS D 113 -30.08 0.94 -9.23
CA LYS D 113 -30.87 0.41 -10.33
C LYS D 113 -30.29 0.73 -11.70
N ASN D 114 -29.22 1.54 -11.76
CA ASN D 114 -28.61 1.97 -13.01
C ASN D 114 -29.64 2.65 -13.92
N THR D 115 -30.19 3.75 -13.42
CA THR D 115 -31.17 4.54 -14.15
C THR D 115 -30.80 6.01 -14.03
N LEU D 116 -30.77 6.71 -15.16
CA LEU D 116 -30.47 8.13 -15.23
C LEU D 116 -31.75 8.89 -15.49
N PHE D 117 -31.81 10.15 -15.02
CA PHE D 117 -32.99 10.99 -15.21
C PHE D 117 -32.59 12.40 -15.60
N LEU D 118 -33.47 13.06 -16.36
CA LEU D 118 -33.40 14.50 -16.60
C LEU D 118 -34.78 15.06 -16.29
N GLN D 119 -34.82 16.10 -15.47
CA GLN D 119 -36.07 16.72 -15.04
C GLN D 119 -36.25 18.04 -15.77
N MET D 120 -37.34 18.15 -16.53
CA MET D 120 -37.62 19.33 -17.33
C MET D 120 -38.92 19.96 -16.84
N THR D 121 -38.91 21.27 -16.63
CA THR D 121 -40.07 22.02 -16.19
C THR D 121 -40.21 23.29 -16.99
N SER D 122 -41.45 23.79 -17.09
CA SER D 122 -41.76 25.04 -17.77
C SER D 122 -41.26 25.01 -19.21
N LEU D 123 -41.83 24.10 -19.99
CA LEU D 123 -41.34 23.87 -21.35
C LEU D 123 -41.68 25.03 -22.26
N ARG D 124 -40.68 25.49 -23.00
CA ARG D 124 -40.82 26.63 -23.90
C ARG D 124 -40.92 26.15 -25.34
N SER D 125 -40.91 27.11 -26.28
CA SER D 125 -40.93 26.78 -27.69
C SER D 125 -39.61 26.15 -28.14
N GLU D 126 -38.49 26.63 -27.62
CA GLU D 126 -37.19 26.10 -28.05
C GLU D 126 -36.95 24.69 -27.53
N ASP D 127 -37.60 24.31 -26.43
CA ASP D 127 -37.34 23.03 -25.78
C ASP D 127 -38.01 21.88 -26.51
N THR D 128 -37.66 21.68 -27.79
CA THR D 128 -38.22 20.57 -28.59
C THR D 128 -37.15 20.12 -29.59
N ALA D 129 -36.54 18.98 -29.31
CA ALA D 129 -35.50 18.41 -30.17
C ALA D 129 -35.23 16.99 -29.70
N MET D 130 -34.14 16.43 -30.23
CA MET D 130 -33.75 15.08 -29.86
C MET D 130 -32.70 15.12 -28.78
N TYR D 131 -32.80 14.25 -27.80
CA TYR D 131 -31.87 14.17 -26.68
C TYR D 131 -31.20 12.80 -26.65
N TYR D 132 -29.88 12.79 -26.47
CA TYR D 132 -29.08 11.58 -26.52
C TYR D 132 -28.26 11.46 -25.23
N CYS D 133 -28.31 10.29 -24.59
CA CYS D 133 -27.51 10.01 -23.40
C CYS D 133 -26.18 9.37 -23.84
N VAL D 134 -25.08 10.02 -23.49
CA VAL D 134 -23.75 9.66 -23.95
C VAL D 134 -22.93 9.17 -22.77
N ARG D 135 -22.28 8.02 -22.92
CA ARG D 135 -21.36 7.54 -21.92
C ARG D 135 -20.02 8.27 -22.04
N SER D 136 -19.25 8.21 -20.96
CA SER D 136 -17.93 8.83 -20.93
C SER D 136 -17.16 8.40 -19.68
N ILE D 137 -15.91 7.97 -19.84
CA ILE D 137 -15.08 7.57 -18.72
C ILE D 137 -13.70 8.21 -18.87
N TYR D 138 -13.19 8.79 -17.77
CA TYR D 138 -11.99 9.62 -17.82
C TYR D 138 -10.89 8.98 -16.98
N TYR D 139 -9.88 8.45 -17.65
CA TYR D 139 -8.59 8.16 -17.04
C TYR D 139 -7.56 8.22 -18.16
N TYR D 140 -6.29 8.11 -17.80
CA TYR D 140 -5.23 8.25 -18.79
C TYR D 140 -5.38 7.20 -19.89
N GLY D 141 -5.45 7.67 -21.13
CA GLY D 141 -5.57 6.78 -22.27
C GLY D 141 -6.98 6.38 -22.63
N SER D 142 -7.98 6.89 -21.94
CA SER D 142 -9.36 6.50 -22.19
C SER D 142 -9.91 7.19 -23.43
N SER D 143 -11.07 6.72 -23.88
CA SER D 143 -11.72 7.22 -25.10
C SER D 143 -13.15 7.62 -24.77
N PRO D 144 -13.36 8.86 -24.33
CA PRO D 144 -14.70 9.30 -23.95
C PRO D 144 -15.64 9.43 -25.16
N PHE D 145 -16.93 9.56 -24.85
CA PHE D 145 -17.98 9.75 -25.86
C PHE D 145 -18.03 8.60 -26.85
N ASP D 146 -17.73 7.39 -26.36
CA ASP D 146 -17.57 6.23 -27.22
C ASP D 146 -18.88 5.53 -27.54
N PHE D 147 -19.73 5.31 -26.54
CA PHE D 147 -21.00 4.63 -26.75
C PHE D 147 -22.14 5.60 -26.49
N TRP D 148 -23.03 5.71 -27.46
CA TRP D 148 -24.22 6.55 -27.37
C TRP D 148 -25.45 5.66 -27.21
N GLY D 149 -26.58 6.31 -26.93
CA GLY D 149 -27.85 5.62 -26.93
C GLY D 149 -28.53 5.72 -28.28
N GLN D 150 -29.85 5.86 -28.28
CA GLN D 150 -30.60 6.15 -29.50
C GLN D 150 -31.58 7.29 -29.36
N GLY D 151 -31.92 7.70 -28.13
CA GLY D 151 -32.67 8.91 -27.90
C GLY D 151 -34.18 8.78 -28.08
N THR D 152 -34.84 9.92 -27.93
CA THR D 152 -36.28 10.06 -28.12
C THR D 152 -36.56 11.52 -28.43
N THR D 153 -37.82 11.83 -28.75
CA THR D 153 -38.21 13.16 -29.20
C THR D 153 -39.29 13.74 -28.31
N LEU D 154 -39.35 15.08 -28.27
CA LEU D 154 -40.28 15.79 -27.41
C LEU D 154 -40.81 16.98 -28.20
N THR D 155 -42.01 16.85 -28.75
CA THR D 155 -42.60 17.87 -29.60
C THR D 155 -43.34 18.90 -28.76
N VAL D 156 -43.15 20.19 -29.11
CA VAL D 156 -43.77 21.30 -28.42
C VAL D 156 -44.56 22.12 -29.42
N SER D 157 -45.83 22.35 -29.13
CA SER D 157 -46.69 23.15 -30.00
C SER D 157 -46.64 24.62 -29.60
N ALA D 158 -47.17 25.47 -30.47
CA ALA D 158 -47.22 26.91 -30.20
C ALA D 158 -48.25 27.22 -29.14
N SER D 173 -21.73 33.00 -25.81
CA SER D 173 -21.15 34.17 -25.15
C SER D 173 -19.64 34.21 -25.34
N ALA D 174 -18.90 33.94 -24.25
CA ALA D 174 -17.45 33.94 -24.27
C ALA D 174 -16.86 32.55 -24.52
N ASP D 175 -17.69 31.63 -24.98
CA ASP D 175 -17.27 30.26 -25.26
C ASP D 175 -16.61 30.18 -26.64
N ILE D 176 -15.76 29.17 -26.80
CA ILE D 176 -15.01 29.01 -28.03
C ILE D 176 -15.97 28.66 -29.16
N VAL D 177 -15.88 29.40 -30.26
CA VAL D 177 -16.76 29.21 -31.41
C VAL D 177 -16.11 28.22 -32.36
N MET D 178 -16.81 27.13 -32.66
CA MET D 178 -16.30 26.08 -33.53
C MET D 178 -17.18 26.03 -34.78
N THR D 179 -16.56 26.13 -35.95
CA THR D 179 -17.30 26.21 -37.21
C THR D 179 -16.71 25.26 -38.24
N GLN D 180 -17.54 24.83 -39.15
CA GLN D 180 -17.02 23.99 -40.18
C GLN D 180 -16.75 24.85 -41.36
N ALA D 181 -16.08 24.28 -42.33
CA ALA D 181 -15.91 25.01 -43.59
C ALA D 181 -17.11 24.93 -44.51
N THR D 182 -17.51 23.72 -44.89
CA THR D 182 -18.61 23.58 -45.84
C THR D 182 -19.85 22.90 -45.23
N SER D 183 -20.79 22.49 -46.07
CA SER D 183 -21.98 21.80 -45.60
C SER D 183 -22.34 20.57 -46.42
N SER D 184 -21.89 20.45 -47.66
CA SER D 184 -22.21 19.31 -48.50
C SER D 184 -21.22 19.25 -49.66
N VAL D 185 -20.98 18.04 -50.16
CA VAL D 185 -20.08 17.84 -51.28
C VAL D 185 -20.34 16.47 -51.92
N VAL D 187 -19.11 13.19 -54.06
CA VAL D 187 -17.86 12.45 -54.20
C VAL D 187 -18.14 11.12 -54.88
N THR D 188 -17.08 10.32 -55.04
CA THR D 188 -17.09 9.09 -55.82
C THR D 188 -16.60 7.92 -54.96
N PRO D 189 -17.21 6.74 -55.14
CA PRO D 189 -16.80 5.57 -54.33
C PRO D 189 -15.43 5.04 -54.69
N GLY D 190 -14.38 5.64 -54.13
CA GLY D 190 -13.03 5.20 -54.39
C GLY D 190 -12.04 6.35 -54.41
N GLU D 191 -12.55 7.57 -54.42
CA GLU D 191 -11.71 8.76 -54.33
C GLU D 191 -11.50 9.16 -52.87
N SER D 192 -10.71 10.20 -52.68
CA SER D 192 -10.35 10.70 -51.36
C SER D 192 -11.18 11.92 -51.02
N VAL D 193 -11.61 12.02 -49.76
CA VAL D 193 -12.42 13.12 -49.28
C VAL D 193 -11.68 13.80 -48.13
N SER D 194 -11.80 15.13 -48.06
CA SER D 194 -11.19 15.89 -46.96
C SER D 194 -12.19 16.90 -46.40
N ILE D 195 -12.51 16.80 -45.12
CA ILE D 195 -13.49 17.68 -44.46
C ILE D 195 -12.78 18.56 -43.45
N SER D 196 -12.93 19.87 -43.49
CA SER D 196 -12.19 20.84 -42.69
C SER D 196 -13.09 21.45 -41.63
N CYS D 197 -12.62 21.49 -40.39
CA CYS D 197 -13.37 22.15 -39.34
C CYS D 197 -12.57 23.39 -39.04
N ARG D 198 -12.99 24.22 -38.11
CA ARG D 198 -12.27 25.41 -37.68
C ARG D 198 -12.63 25.74 -36.23
N SER D 199 -11.67 26.37 -35.55
CA SER D 199 -11.89 26.78 -34.18
C SER D 199 -11.64 28.28 -34.05
N SER D 200 -11.86 28.84 -32.88
CA SER D 200 -11.63 30.24 -32.61
C SER D 200 -10.59 30.49 -31.51
N LYS D 201 -10.07 29.44 -30.89
CA LYS D 201 -9.04 29.53 -29.88
C LYS D 201 -8.19 28.27 -29.93
N SER D 202 -6.93 28.39 -29.51
CA SER D 202 -6.00 27.27 -29.55
C SER D 202 -6.52 26.09 -28.74
N LEU D 203 -6.84 24.98 -29.41
CA LEU D 203 -7.32 23.79 -28.72
C LEU D 203 -6.19 23.01 -28.07
N LEU D 204 -4.93 23.33 -28.39
CA LEU D 204 -3.80 22.66 -27.79
C LEU D 204 -3.60 23.16 -26.36
N HIS D 205 -3.51 22.23 -25.42
CA HIS D 205 -3.26 22.56 -24.02
C HIS D 205 -1.76 22.44 -23.73
N SER D 206 -1.38 22.87 -22.51
CA SER D 206 0.03 22.81 -22.13
C SER D 206 0.50 21.37 -21.95
N ASN D 207 -0.40 20.46 -21.58
CA ASN D 207 0.00 19.05 -21.42
C ASN D 207 0.42 18.46 -22.76
N GLY D 208 -0.27 18.80 -23.83
CA GLY D 208 0.07 18.29 -25.15
C GLY D 208 -1.12 17.73 -25.89
N ASN D 209 -2.27 17.69 -25.22
CA ASN D 209 -3.48 17.14 -25.79
C ASN D 209 -4.17 18.16 -26.68
N THR D 210 -5.00 17.67 -27.60
CA THR D 210 -5.78 18.52 -28.49
C THR D 210 -7.20 17.97 -28.52
N TYR D 211 -8.12 18.68 -27.88
CA TYR D 211 -9.47 18.17 -27.62
C TYR D 211 -10.37 18.46 -28.81
N LEU D 212 -10.38 17.53 -29.76
CA LEU D 212 -11.19 17.64 -30.97
C LEU D 212 -11.76 16.26 -31.30
N TYR D 213 -13.01 16.15 -31.74
CA TYR D 213 -13.68 14.88 -32.00
C TYR D 213 -14.37 14.90 -33.36
N TRP D 214 -14.56 13.70 -33.91
CA TRP D 214 -15.37 13.46 -35.09
C TRP D 214 -16.32 12.31 -34.80
N PHE D 215 -17.53 12.36 -35.34
CA PHE D 215 -18.56 11.43 -34.89
C PHE D 215 -19.19 10.57 -35.98
N LEU D 216 -19.47 11.12 -37.16
CA LEU D 216 -20.11 10.38 -38.25
C LEU D 216 -21.46 9.81 -37.79
N GLN D 217 -22.41 10.71 -37.59
CA GLN D 217 -23.80 10.30 -37.41
C GLN D 217 -24.36 9.91 -38.77
N ARG D 218 -24.65 8.62 -38.95
CA ARG D 218 -25.14 8.12 -40.23
C ARG D 218 -26.60 8.53 -40.44
N PRO D 219 -27.06 8.54 -41.70
CA PRO D 219 -28.42 9.02 -41.98
C PRO D 219 -29.50 8.05 -41.49
N GLY D 220 -29.82 8.12 -40.21
CA GLY D 220 -30.89 7.30 -39.67
C GLY D 220 -30.66 6.77 -38.28
N GLN D 221 -29.41 6.53 -37.91
CA GLN D 221 -29.12 6.00 -36.59
C GLN D 221 -28.50 7.08 -35.71
N SER D 222 -28.22 6.72 -34.46
CA SER D 222 -27.60 7.61 -33.49
C SER D 222 -26.13 7.82 -33.84
N PRO D 223 -25.51 8.87 -33.32
CA PRO D 223 -24.11 9.13 -33.65
C PRO D 223 -23.18 8.03 -33.14
N GLN D 224 -21.93 8.12 -33.56
CA GLN D 224 -20.88 7.18 -33.19
C GLN D 224 -19.62 7.99 -32.89
N LEU D 225 -18.49 7.31 -32.81
CA LEU D 225 -17.20 7.96 -32.58
C LEU D 225 -16.20 7.50 -33.62
N LEU D 226 -15.59 8.44 -34.32
CA LEU D 226 -14.52 8.14 -35.27
C LEU D 226 -13.14 8.46 -34.71
N ILE D 227 -12.90 9.72 -34.36
CA ILE D 227 -11.60 10.20 -33.92
C ILE D 227 -11.79 10.93 -32.60
N TYR D 228 -11.04 10.52 -31.58
CA TYR D 228 -11.05 11.22 -30.30
C TYR D 228 -9.67 11.85 -30.06
N ARG D 229 -9.70 13.11 -29.64
CA ARG D 229 -8.49 13.92 -29.45
C ARG D 229 -7.68 14.09 -30.73
N MET D 230 -8.38 14.18 -31.87
CA MET D 230 -7.86 14.70 -33.12
C MET D 230 -6.89 13.78 -33.85
N SER D 231 -6.46 12.69 -33.23
CA SER D 231 -5.49 11.82 -33.89
C SER D 231 -5.82 10.34 -33.75
N ASN D 232 -6.52 9.97 -32.68
CA ASN D 232 -6.67 8.57 -32.30
C ASN D 232 -7.94 7.98 -32.89
N LEU D 233 -7.90 6.67 -33.14
CA LEU D 233 -8.98 5.95 -33.81
C LEU D 233 -9.80 5.17 -32.80
N ALA D 234 -11.07 4.96 -33.13
CA ALA D 234 -11.99 4.28 -32.24
C ALA D 234 -11.76 2.77 -32.30
N SER D 235 -12.69 2.02 -31.68
CA SER D 235 -12.52 0.59 -31.54
C SER D 235 -12.90 -0.15 -32.82
N GLY D 236 -14.17 -0.05 -33.21
CA GLY D 236 -14.68 -0.86 -34.29
C GLY D 236 -14.79 -0.17 -35.63
N VAL D 237 -14.08 0.94 -35.81
CA VAL D 237 -14.11 1.67 -37.08
C VAL D 237 -12.96 1.19 -37.95
N PRO D 238 -13.15 1.13 -39.28
CA PRO D 238 -12.08 0.64 -40.14
C PRO D 238 -10.87 1.55 -40.13
N ASP D 239 -9.70 0.95 -40.43
CA ASP D 239 -8.42 1.67 -40.43
C ASP D 239 -8.27 2.39 -41.76
N ARG D 240 -9.19 3.27 -42.07
CA ARG D 240 -9.17 4.03 -43.32
C ARG D 240 -9.37 5.51 -43.02
N PHE D 241 -9.73 5.80 -41.76
CA PHE D 241 -9.97 7.16 -41.33
C PHE D 241 -8.78 7.66 -40.53
N SER D 242 -8.52 8.96 -40.61
CA SER D 242 -7.39 9.57 -39.90
C SER D 242 -7.66 11.04 -39.62
N GLY D 243 -7.10 11.58 -38.53
CA GLY D 243 -7.33 12.96 -38.16
C GLY D 243 -6.07 13.78 -38.30
N SER D 244 -6.10 14.86 -39.08
CA SER D 244 -4.86 15.61 -39.28
C SER D 244 -4.91 17.12 -39.15
N GLY D 245 -5.14 17.64 -37.95
CA GLY D 245 -5.27 19.08 -37.78
C GLY D 245 -4.01 19.91 -37.63
N SER D 246 -3.42 19.95 -36.43
CA SER D 246 -2.16 20.73 -36.15
C SER D 246 -2.35 22.25 -36.03
N GLY D 247 -3.51 22.75 -36.39
CA GLY D 247 -3.86 24.16 -36.28
C GLY D 247 -5.30 24.27 -35.82
N THR D 248 -5.77 25.51 -35.66
CA THR D 248 -7.16 25.72 -35.28
C THR D 248 -7.99 25.27 -36.46
N ALA D 249 -7.32 24.80 -37.49
CA ALA D 249 -8.02 24.28 -38.65
C ALA D 249 -7.81 22.79 -38.61
N PHE D 250 -8.91 22.05 -38.71
CA PHE D 250 -8.80 20.60 -38.60
C PHE D 250 -9.35 19.92 -39.90
N THR D 251 -9.24 18.60 -40.11
CA THR D 251 -9.62 17.82 -41.30
C THR D 251 -9.74 16.30 -41.09
N LEU D 252 -10.78 15.64 -41.62
CA LEU D 252 -10.83 14.19 -41.51
C LEU D 252 -10.69 13.63 -42.92
N THR D 253 -9.56 12.99 -43.20
CA THR D 253 -9.33 12.43 -44.53
C THR D 253 -9.79 10.97 -44.56
N ILE D 254 -10.36 10.57 -45.69
CA ILE D 254 -10.81 9.20 -45.91
C ILE D 254 -10.12 8.68 -47.17
N SER D 255 -9.32 7.63 -47.02
CA SER D 255 -8.58 7.09 -48.16
C SER D 255 -9.51 6.51 -49.22
N ARG D 256 -10.23 5.45 -48.89
CA ARG D 256 -11.16 4.81 -49.79
C ARG D 256 -12.55 5.43 -49.60
N LEU D 257 -13.58 4.81 -50.16
CA LEU D 257 -14.94 5.28 -49.91
C LEU D 257 -15.91 4.15 -50.25
N GLU D 258 -16.63 3.68 -49.23
CA GLU D 258 -17.61 2.61 -49.38
C GLU D 258 -19.01 3.17 -49.20
N ALA D 259 -20.01 2.30 -49.43
CA ALA D 259 -21.40 2.71 -49.38
C ALA D 259 -21.88 3.01 -47.96
N GLU D 260 -21.17 2.57 -46.94
CA GLU D 260 -21.54 2.82 -45.55
C GLU D 260 -21.03 4.15 -45.02
N ASP D 261 -20.17 4.83 -45.78
CA ASP D 261 -19.48 6.02 -45.32
C ASP D 261 -20.34 7.28 -45.55
N VAL D 262 -21.51 7.11 -46.15
CA VAL D 262 -22.43 8.23 -46.40
C VAL D 262 -23.02 8.71 -45.08
N GLY D 263 -23.07 10.02 -44.90
CA GLY D 263 -23.66 10.57 -43.69
C GLY D 263 -23.21 12.01 -43.47
N VAL D 264 -23.38 12.47 -42.23
CA VAL D 264 -23.03 13.83 -41.83
C VAL D 264 -22.00 13.74 -40.72
N TYR D 265 -20.90 14.49 -40.89
CA TYR D 265 -19.84 14.47 -39.90
C TYR D 265 -20.00 15.62 -38.95
N TYR D 266 -19.58 15.42 -37.72
CA TYR D 266 -19.72 16.45 -36.70
C TYR D 266 -18.38 16.73 -36.02
N CYS D 267 -18.27 17.94 -35.49
CA CYS D 267 -17.02 18.46 -34.96
C CYS D 267 -17.28 19.02 -33.57
N MET D 268 -16.47 18.59 -32.59
CA MET D 268 -16.65 19.00 -31.20
C MET D 268 -15.37 19.37 -30.45
N GLN D 269 -15.50 20.28 -29.48
CA GLN D 269 -14.38 20.71 -28.64
C GLN D 269 -14.67 20.44 -27.16
N HIS D 270 -13.77 19.73 -26.47
CA HIS D 270 -13.95 19.37 -25.07
C HIS D 270 -13.05 20.12 -24.09
N LEU D 271 -12.40 21.17 -24.56
CA LEU D 271 -11.48 21.98 -23.74
C LEU D 271 -12.09 22.72 -22.54
N GLU D 272 -13.28 23.28 -22.75
CA GLU D 272 -14.00 24.05 -21.75
C GLU D 272 -15.42 23.51 -21.65
N TYR D 273 -16.12 23.82 -20.57
CA TYR D 273 -17.45 23.24 -20.40
C TYR D 273 -18.64 23.53 -21.32
N PRO D 274 -18.57 24.60 -22.11
CA PRO D 274 -19.66 24.82 -23.06
C PRO D 274 -19.80 23.66 -24.09
N LEU D 275 -18.70 23.00 -24.50
CA LEU D 275 -18.75 21.89 -25.45
C LEU D 275 -19.44 22.27 -26.75
N THR D 276 -19.05 23.40 -27.30
CA THR D 276 -19.60 23.91 -28.55
C THR D 276 -19.28 22.95 -29.71
N PHE D 277 -20.30 22.70 -30.52
CA PHE D 277 -20.21 21.80 -31.67
C PHE D 277 -19.87 22.56 -32.95
N GLY D 278 -19.87 21.84 -34.07
CA GLY D 278 -19.61 22.43 -35.37
C GLY D 278 -20.90 22.77 -36.10
N ALA D 279 -20.95 22.43 -37.38
CA ALA D 279 -22.15 22.63 -38.18
C ALA D 279 -22.61 21.39 -38.91
N GLY D 280 -21.69 20.58 -39.43
CA GLY D 280 -22.04 19.40 -40.19
C GLY D 280 -21.73 19.49 -41.67
N THR D 281 -21.24 18.40 -42.25
CA THR D 281 -20.89 18.33 -43.67
C THR D 281 -21.37 16.99 -44.22
N LYS D 282 -22.50 17.01 -44.91
CA LYS D 282 -23.08 15.78 -45.45
C LYS D 282 -22.34 15.34 -46.70
N LEU D 283 -22.25 14.02 -46.88
CA LEU D 283 -21.69 13.42 -48.08
C LEU D 283 -22.79 12.64 -48.80
N GLU D 284 -22.91 12.85 -50.11
CA GLU D 284 -23.93 12.18 -50.90
C GLU D 284 -23.27 11.26 -51.92
N LEU D 285 -23.84 10.07 -52.07
CA LEU D 285 -23.29 9.10 -53.02
C LEU D 285 -23.41 9.60 -54.45
N SER E 8 17.49 -46.48 -9.99
CA SER E 8 18.21 -45.23 -9.82
C SER E 8 19.32 -45.05 -10.86
N ILE E 9 19.20 -45.70 -12.02
CA ILE E 9 20.20 -45.58 -13.07
C ILE E 9 19.82 -44.48 -14.07
N ALA E 10 18.70 -43.80 -13.85
CA ALA E 10 18.27 -42.72 -14.73
C ALA E 10 18.74 -41.35 -14.26
N GLN E 11 18.96 -41.16 -12.96
CA GLN E 11 19.48 -39.89 -12.47
C GLN E 11 20.87 -39.62 -13.02
N ALA E 12 21.70 -40.66 -13.15
CA ALA E 12 23.05 -40.53 -13.65
C ALA E 12 23.16 -40.83 -15.15
N ARG E 13 22.02 -41.01 -15.81
CA ARG E 13 22.02 -41.26 -17.26
C ARG E 13 21.67 -39.99 -18.02
N LYS E 14 20.48 -39.45 -17.78
CA LYS E 14 20.05 -38.21 -18.45
C LYS E 14 21.04 -37.11 -18.13
N LEU E 15 21.54 -37.08 -16.90
CA LEU E 15 22.52 -36.08 -16.52
C LEU E 15 23.70 -36.16 -17.45
N VAL E 16 24.25 -37.36 -17.60
CA VAL E 16 25.39 -37.56 -18.49
C VAL E 16 25.05 -37.12 -19.91
N GLU E 17 23.88 -37.52 -20.40
CA GLU E 17 23.48 -37.15 -21.75
C GLU E 17 23.44 -35.64 -21.91
N GLN E 18 22.87 -34.93 -20.93
CA GLN E 18 22.79 -33.46 -21.02
C GLN E 18 24.16 -32.82 -20.88
N LEU E 19 25.04 -33.38 -20.05
CA LEU E 19 26.40 -32.87 -19.97
C LEU E 19 27.17 -33.07 -21.27
N LYS E 20 26.83 -34.10 -22.05
CA LYS E 20 27.47 -34.29 -23.35
C LYS E 20 27.29 -33.11 -24.29
N MET E 21 26.20 -32.36 -24.15
CA MET E 21 25.92 -31.23 -25.02
C MET E 21 26.45 -29.90 -24.48
N GLU E 22 26.43 -29.71 -23.17
CA GLU E 22 26.91 -28.46 -22.59
C GLU E 22 28.41 -28.30 -22.73
N ALA E 23 29.15 -29.39 -22.94
CA ALA E 23 30.61 -29.30 -23.00
C ALA E 23 31.08 -28.75 -24.34
N ASN E 24 30.34 -29.01 -25.42
CA ASN E 24 30.79 -28.67 -26.77
C ASN E 24 30.13 -27.36 -27.20
N ILE E 25 30.73 -26.24 -26.81
CA ILE E 25 30.25 -24.91 -27.20
C ILE E 25 31.46 -24.05 -27.53
N ASP E 26 31.33 -23.22 -28.56
CA ASP E 26 32.39 -22.30 -28.93
C ASP E 26 32.47 -21.15 -27.93
N ARG E 27 33.68 -20.66 -27.69
CA ARG E 27 33.94 -19.61 -26.71
C ARG E 27 34.73 -18.49 -27.38
N ILE E 28 34.90 -17.39 -26.63
CA ILE E 28 35.51 -16.17 -27.13
C ILE E 28 36.66 -15.78 -26.22
N LYS E 29 37.28 -14.65 -26.54
CA LYS E 29 38.34 -14.06 -25.72
C LYS E 29 37.73 -13.07 -24.74
N VAL E 30 38.15 -13.16 -23.47
CA VAL E 30 37.61 -12.28 -22.44
C VAL E 30 37.98 -10.82 -22.73
N SER E 31 39.22 -10.59 -23.16
CA SER E 31 39.61 -9.22 -23.51
C SER E 31 38.81 -8.71 -24.70
N LYS E 32 38.27 -9.62 -25.51
CA LYS E 32 37.35 -9.21 -26.57
C LYS E 32 35.93 -9.04 -26.05
N ALA E 33 35.62 -9.66 -24.90
CA ALA E 33 34.30 -9.49 -24.30
C ALA E 33 34.11 -8.09 -23.73
N ALA E 34 35.18 -7.43 -23.30
CA ALA E 34 35.12 -6.07 -22.80
C ALA E 34 35.07 -5.03 -23.91
N ALA E 35 34.77 -5.45 -25.14
CA ALA E 35 34.62 -4.54 -26.27
C ALA E 35 33.17 -4.28 -26.64
N ASP E 36 32.39 -5.32 -26.91
CA ASP E 36 30.99 -5.16 -27.23
C ASP E 36 30.14 -4.78 -26.02
N LEU E 37 30.66 -5.01 -24.81
CA LEU E 37 30.00 -4.51 -23.61
C LEU E 37 30.19 -3.01 -23.45
N MET E 38 31.34 -2.48 -23.85
CA MET E 38 31.59 -1.04 -23.84
C MET E 38 30.91 -0.31 -24.99
N ALA E 39 30.85 -0.93 -26.17
CA ALA E 39 30.41 -0.22 -27.38
C ALA E 39 29.01 0.34 -27.22
N TYR E 40 28.10 -0.45 -26.64
CA TYR E 40 26.75 0.03 -26.35
C TYR E 40 26.79 1.21 -25.39
N CYS E 41 27.65 1.15 -24.36
CA CYS E 41 27.76 2.25 -23.42
C CYS E 41 28.25 3.53 -24.09
N GLU E 42 29.33 3.44 -24.87
CA GLU E 42 29.90 4.65 -25.46
C GLU E 42 29.05 5.18 -26.59
N ALA E 43 28.26 4.33 -27.25
CA ALA E 43 27.39 4.81 -28.30
C ALA E 43 26.01 5.20 -27.80
N HIS E 44 25.69 4.95 -26.53
CA HIS E 44 24.39 5.37 -26.03
C HIS E 44 24.48 6.18 -24.73
N ALA E 45 25.67 6.64 -24.34
CA ALA E 45 25.77 7.50 -23.17
C ALA E 45 25.03 8.82 -23.35
N LYS E 46 24.69 9.20 -24.58
CA LYS E 46 24.03 10.49 -24.82
C LYS E 46 22.52 10.35 -24.95
N GLU E 47 21.98 9.19 -24.59
CA GLU E 47 20.54 8.98 -24.64
C GLU E 47 20.01 8.51 -23.28
N ASP E 48 20.87 8.61 -22.26
CA ASP E 48 20.51 8.18 -20.91
C ASP E 48 20.11 9.35 -19.99
N PRO E 49 18.79 9.56 -19.75
CA PRO E 49 18.42 10.64 -18.80
C PRO E 49 18.99 10.42 -17.40
N LEU E 50 19.09 9.17 -16.96
CA LEU E 50 19.64 8.90 -15.63
C LEU E 50 21.11 9.30 -15.55
N LEU E 51 21.87 9.04 -16.61
CA LEU E 51 23.31 9.27 -16.58
C LEU E 51 23.61 10.77 -16.47
N THR E 52 23.17 11.54 -17.46
CA THR E 52 23.41 12.98 -17.49
C THR E 52 22.30 13.71 -16.74
N PRO E 53 22.60 14.54 -15.76
CA PRO E 53 21.55 15.32 -15.09
C PRO E 53 20.79 16.16 -16.09
N VAL E 54 19.52 15.82 -16.29
CA VAL E 54 18.68 16.48 -17.29
C VAL E 54 18.26 17.85 -16.76
N PRO E 55 18.29 18.89 -17.57
CA PRO E 55 17.73 20.18 -17.15
C PRO E 55 16.23 20.07 -16.94
N ALA E 56 15.74 20.81 -15.95
CA ALA E 56 14.33 20.73 -15.56
C ALA E 56 13.45 21.57 -16.49
N SER E 57 13.61 21.30 -17.79
CA SER E 57 12.86 22.02 -18.81
C SER E 57 12.22 21.04 -19.79
N GLU E 58 12.86 19.88 -19.99
CA GLU E 58 12.37 18.88 -20.93
C GLU E 58 12.11 17.54 -20.25
N ASN E 59 11.92 17.56 -18.94
CA ASN E 59 11.53 16.35 -18.21
C ASN E 59 10.15 16.51 -17.63
N PRO E 60 9.38 15.42 -17.52
CA PRO E 60 8.01 15.52 -17.01
C PRO E 60 7.86 15.32 -15.50
N PHE E 61 8.96 15.26 -14.76
CA PHE E 61 8.92 15.04 -13.32
C PHE E 61 9.39 16.27 -12.55
N ARG E 62 9.40 17.44 -13.20
CA ARG E 62 9.74 18.67 -12.52
C ARG E 62 8.69 18.98 -11.47
N GLU E 63 9.08 19.62 -10.37
CA GLU E 63 8.11 20.04 -9.35
C GLU E 63 8.67 21.20 -8.53
#